data_6ROS
# 
_entry.id   6ROS 
# 
_audit_conform.dict_name       mmcif_pdbx.dic 
_audit_conform.dict_version    5.391 
_audit_conform.dict_location   http://mmcif.pdb.org/dictionaries/ascii/mmcif_pdbx.dic 
# 
loop_
_database_2.database_id 
_database_2.database_code 
_database_2.pdbx_database_accession 
_database_2.pdbx_DOI 
PDB   6ROS         pdb_00006ros 10.2210/pdb6ros/pdb 
WWPDB D_1292100030 ?            ?                   
# 
loop_
_pdbx_audit_revision_history.ordinal 
_pdbx_audit_revision_history.data_content_type 
_pdbx_audit_revision_history.major_revision 
_pdbx_audit_revision_history.minor_revision 
_pdbx_audit_revision_history.revision_date 
1 'Structure model' 1 0 2020-07-08 
2 'Structure model' 1 1 2021-01-20 
3 'Structure model' 1 2 2024-05-01 
# 
_pdbx_audit_revision_details.ordinal             1 
_pdbx_audit_revision_details.revision_ordinal    1 
_pdbx_audit_revision_details.data_content_type   'Structure model' 
_pdbx_audit_revision_details.provider            repository 
_pdbx_audit_revision_details.type                'Initial release' 
_pdbx_audit_revision_details.description         ? 
_pdbx_audit_revision_details.details             ? 
# 
loop_
_pdbx_audit_revision_group.ordinal 
_pdbx_audit_revision_group.revision_ordinal 
_pdbx_audit_revision_group.data_content_type 
_pdbx_audit_revision_group.group 
1 2 'Structure model' 'Database references'    
2 3 'Structure model' 'Data collection'        
3 3 'Structure model' 'Database references'    
4 3 'Structure model' 'Refinement description' 
# 
loop_
_pdbx_audit_revision_category.ordinal 
_pdbx_audit_revision_category.revision_ordinal 
_pdbx_audit_revision_category.data_content_type 
_pdbx_audit_revision_category.category 
1 2 'Structure model' citation                      
2 2 'Structure model' citation_author               
3 3 'Structure model' chem_comp_atom                
4 3 'Structure model' chem_comp_bond                
5 3 'Structure model' database_2                    
6 3 'Structure model' pdbx_initial_refinement_model 
# 
loop_
_pdbx_audit_revision_item.ordinal 
_pdbx_audit_revision_item.revision_ordinal 
_pdbx_audit_revision_item.data_content_type 
_pdbx_audit_revision_item.item 
1  2 'Structure model' '_citation.journal_abbrev'            
2  2 'Structure model' '_citation.journal_id_CSD'            
3  2 'Structure model' '_citation.journal_id_ISSN'           
4  2 'Structure model' '_citation.journal_volume'            
5  2 'Structure model' '_citation.page_first'                
6  2 'Structure model' '_citation.page_last'                 
7  2 'Structure model' '_citation.pdbx_database_id_DOI'      
8  2 'Structure model' '_citation.pdbx_database_id_PubMed'   
9  2 'Structure model' '_citation.title'                     
10 2 'Structure model' '_citation.year'                      
11 3 'Structure model' '_database_2.pdbx_DOI'                
12 3 'Structure model' '_database_2.pdbx_database_accession' 
# 
_pdbx_database_status.status_code                     REL 
_pdbx_database_status.status_code_sf                  REL 
_pdbx_database_status.status_code_mr                  ? 
_pdbx_database_status.entry_id                        6ROS 
_pdbx_database_status.recvd_initial_deposition_date   2019-05-13 
_pdbx_database_status.SG_entry                        N 
_pdbx_database_status.deposit_site                    PDBE 
_pdbx_database_status.process_site                    PDBE 
_pdbx_database_status.status_code_cs                  ? 
_pdbx_database_status.methods_development_category    ? 
_pdbx_database_status.pdb_format_compatible           Y 
_pdbx_database_status.status_code_nmr_data            ? 
# 
loop_
_audit_author.name 
_audit_author.pdbx_ordinal 
_audit_author.identifier_ORCID 
'Kolenko, P.'   1 0000-0002-4619-9276 
'Svoboda, J.'   2 0000-0003-3056-2357 
'Schneider, B.' 3 0000-0001-7855-3690 
# 
_citation.abstract                  ? 
_citation.abstract_id_CAS           ? 
_citation.book_id_ISBN              ? 
_citation.book_publisher            ? 
_citation.book_publisher_city       ? 
_citation.book_title                ? 
_citation.coordinate_linkage        ? 
_citation.country                   ? 
_citation.database_id_Medline       ? 
_citation.details                   ? 
_citation.id                        primary 
_citation.journal_abbrev            'Acta Crystallogr D Struct Biol' 
_citation.journal_id_ASTM           ? 
_citation.journal_id_CSD            ? 
_citation.journal_id_ISSN           2059-7983 
_citation.journal_full              ? 
_citation.journal_issue             ? 
_citation.journal_volume            76 
_citation.language                  ? 
_citation.page_first                1233 
_citation.page_last                 1243 
_citation.title                     'Structural variability of CG-rich DNA 18-mers accommodating double T-T mismatches.' 
_citation.year                      2020 
_citation.database_id_CSD           ? 
_citation.pdbx_database_id_DOI      10.1107/S2059798320014151 
_citation.pdbx_database_id_PubMed   33263329 
_citation.unpublished_flag          ? 
# 
loop_
_citation_author.citation_id 
_citation_author.name 
_citation_author.ordinal 
_citation_author.identifier_ORCID 
primary 'Kolenko, P.'    1 0000-0002-4619-9276 
primary 'Svoboda, J.'    2 ?                   
primary 'Cerny, J.'      3 0000-0002-1969-9304 
primary 'Charnavets, T.' 4 ?                   
primary 'Schneider, B.'  5 0000-0001-7855-3690 
# 
loop_
_entity.id 
_entity.type 
_entity.src_method 
_entity.pdbx_description 
_entity.formula_weight 
_entity.pdbx_number_of_molecules 
_entity.pdbx_ec 
_entity.pdbx_mutation 
_entity.pdbx_fragment 
_entity.details 
1 polymer     syn 'REP related 18-mer DNA from C. hominis' 5509.540 1 ? ? ? ? 
2 non-polymer syn 'STRONTIUM ION'                          87.620   3 ? ? ? ? 
# 
_entity_poly.entity_id                      1 
_entity_poly.type                           polydeoxyribonucleotide 
_entity_poly.nstd_linkage                   no 
_entity_poly.nstd_monomer                   no 
_entity_poly.pdbx_seq_one_letter_code       '(DG)(DG)(DT)(DG)(DG)(DG)(DG)(DC)(DT)(DT)(DG)(DC)(DC)(DC)(DC)(DA)(DC)(DC)' 
_entity_poly.pdbx_seq_one_letter_code_can   GGTGGGGCTTGCCCCACC 
_entity_poly.pdbx_strand_id                 A 
_entity_poly.pdbx_target_identifier         ? 
# 
_pdbx_entity_nonpoly.entity_id   2 
_pdbx_entity_nonpoly.name        'STRONTIUM ION' 
_pdbx_entity_nonpoly.comp_id     SR 
# 
loop_
_entity_poly_seq.entity_id 
_entity_poly_seq.num 
_entity_poly_seq.mon_id 
_entity_poly_seq.hetero 
1 1  DG n 
1 2  DG n 
1 3  DT n 
1 4  DG n 
1 5  DG n 
1 6  DG n 
1 7  DG n 
1 8  DC n 
1 9  DT n 
1 10 DT n 
1 11 DG n 
1 12 DC n 
1 13 DC n 
1 14 DC n 
1 15 DC n 
1 16 DA n 
1 17 DC n 
1 18 DC n 
# 
_pdbx_entity_src_syn.entity_id              1 
_pdbx_entity_src_syn.pdbx_src_id            1 
_pdbx_entity_src_syn.pdbx_alt_source_flag   sample 
_pdbx_entity_src_syn.pdbx_beg_seq_num       1 
_pdbx_entity_src_syn.pdbx_end_seq_num       18 
_pdbx_entity_src_syn.organism_scientific    'Cardiobacterium hominis' 
_pdbx_entity_src_syn.organism_common_name   ? 
_pdbx_entity_src_syn.ncbi_taxonomy_id       2718 
_pdbx_entity_src_syn.details                ? 
# 
loop_
_chem_comp.id 
_chem_comp.type 
_chem_comp.mon_nstd_flag 
_chem_comp.name 
_chem_comp.pdbx_synonyms 
_chem_comp.formula 
_chem_comp.formula_weight 
DA 'DNA linking' y "2'-DEOXYADENOSINE-5'-MONOPHOSPHATE" ? 'C10 H14 N5 O6 P' 331.222 
DC 'DNA linking' y "2'-DEOXYCYTIDINE-5'-MONOPHOSPHATE"  ? 'C9 H14 N3 O7 P'  307.197 
DG 'DNA linking' y "2'-DEOXYGUANOSINE-5'-MONOPHOSPHATE" ? 'C10 H14 N5 O7 P' 347.221 
DT 'DNA linking' y "THYMIDINE-5'-MONOPHOSPHATE"         ? 'C10 H15 N2 O8 P' 322.208 
SR non-polymer   . 'STRONTIUM ION'                      ? 'Sr 2'            87.620  
# 
loop_
_pdbx_poly_seq_scheme.asym_id 
_pdbx_poly_seq_scheme.entity_id 
_pdbx_poly_seq_scheme.seq_id 
_pdbx_poly_seq_scheme.mon_id 
_pdbx_poly_seq_scheme.ndb_seq_num 
_pdbx_poly_seq_scheme.pdb_seq_num 
_pdbx_poly_seq_scheme.auth_seq_num 
_pdbx_poly_seq_scheme.pdb_mon_id 
_pdbx_poly_seq_scheme.auth_mon_id 
_pdbx_poly_seq_scheme.pdb_strand_id 
_pdbx_poly_seq_scheme.pdb_ins_code 
_pdbx_poly_seq_scheme.hetero 
A 1 1  DG 1  1  1  DG DG A . n 
A 1 2  DG 2  2  2  DG DG A . n 
A 1 3  DT 3  3  3  DT DT A . n 
A 1 4  DG 4  4  4  DG DG A . n 
A 1 5  DG 5  5  5  DG DG A . n 
A 1 6  DG 6  6  6  DG DG A . n 
A 1 7  DG 7  7  7  DG DG A . n 
A 1 8  DC 8  8  8  DC DC A . n 
A 1 9  DT 9  9  9  DT DT A . n 
A 1 10 DT 10 10 10 DT DT A . n 
A 1 11 DG 11 11 11 DG DG A . n 
A 1 12 DC 12 12 12 DC DC A . n 
A 1 13 DC 13 13 13 DC DC A . n 
A 1 14 DC 14 14 14 DC DC A . n 
A 1 15 DC 15 15 15 DC DC A . n 
A 1 16 DA 16 16 16 DA DA A . n 
A 1 17 DC 17 17 17 DC DC A . n 
A 1 18 DC 18 18 18 DC DC A . n 
# 
loop_
_pdbx_nonpoly_scheme.asym_id 
_pdbx_nonpoly_scheme.entity_id 
_pdbx_nonpoly_scheme.mon_id 
_pdbx_nonpoly_scheme.ndb_seq_num 
_pdbx_nonpoly_scheme.pdb_seq_num 
_pdbx_nonpoly_scheme.auth_seq_num 
_pdbx_nonpoly_scheme.pdb_mon_id 
_pdbx_nonpoly_scheme.auth_mon_id 
_pdbx_nonpoly_scheme.pdb_strand_id 
_pdbx_nonpoly_scheme.pdb_ins_code 
B 2 SR 1 101 21 SR SR A . 
C 2 SR 1 102 22 SR SR A . 
D 2 SR 1 103 23 SR SR A . 
# 
loop_
_software.citation_id 
_software.classification 
_software.compiler_name 
_software.compiler_version 
_software.contact_author 
_software.contact_author_email 
_software.date 
_software.description 
_software.dependencies 
_software.hardware 
_software.language 
_software.location 
_software.mods 
_software.name 
_software.os 
_software.os_version 
_software.type 
_software.version 
_software.pdbx_ordinal 
? refinement       ? ? ? ? ? ? ? ? ? ? ? PHENIX  ? ? ? '(1.14rc3_3199: ???)' 1 
? 'data reduction' ? ? ? ? ? ? ? ? ? ? ? XDS     ? ? ? .                     2 
? 'data scaling'   ? ? ? ? ? ? ? ? ? ? ? Aimless ? ? ? .                     3 
? phasing          ? ? ? ? ? ? ? ? ? ? ? PHASER  ? ? ? .                     4 
# 
_cell.angle_alpha                  90.00 
_cell.angle_alpha_esd              ? 
_cell.angle_beta                   90.00 
_cell.angle_beta_esd               ? 
_cell.angle_gamma                  90.00 
_cell.angle_gamma_esd              ? 
_cell.entry_id                     6ROS 
_cell.details                      ? 
_cell.formula_units_Z              ? 
_cell.length_a                     38.440 
_cell.length_a_esd                 ? 
_cell.length_b                     38.440 
_cell.length_b_esd                 ? 
_cell.length_c                     89.579 
_cell.length_c_esd                 ? 
_cell.volume                       ? 
_cell.volume_esd                   ? 
_cell.Z_PDB                        8 
_cell.reciprocal_angle_alpha       ? 
_cell.reciprocal_angle_beta        ? 
_cell.reciprocal_angle_gamma       ? 
_cell.reciprocal_angle_alpha_esd   ? 
_cell.reciprocal_angle_beta_esd    ? 
_cell.reciprocal_angle_gamma_esd   ? 
_cell.reciprocal_length_a          ? 
_cell.reciprocal_length_b          ? 
_cell.reciprocal_length_c          ? 
_cell.reciprocal_length_a_esd      ? 
_cell.reciprocal_length_b_esd      ? 
_cell.reciprocal_length_c_esd      ? 
_cell.pdbx_unique_axis             ? 
# 
_symmetry.entry_id                         6ROS 
_symmetry.cell_setting                     ? 
_symmetry.Int_Tables_number                96 
_symmetry.space_group_name_Hall            ? 
_symmetry.space_group_name_H-M             'P 43 21 2' 
_symmetry.pdbx_full_space_group_name_H-M   ? 
# 
_exptl.absorpt_coefficient_mu     ? 
_exptl.absorpt_correction_T_max   ? 
_exptl.absorpt_correction_T_min   ? 
_exptl.absorpt_correction_type    ? 
_exptl.absorpt_process_details    ? 
_exptl.entry_id                   6ROS 
_exptl.crystals_number            1 
_exptl.details                    ? 
_exptl.method                     'X-RAY DIFFRACTION' 
_exptl.method_details             ? 
# 
_exptl_crystal.colour                      ? 
_exptl_crystal.density_diffrn              ? 
_exptl_crystal.density_Matthews            3.00 
_exptl_crystal.density_method              ? 
_exptl_crystal.density_percent_sol         59.04 
_exptl_crystal.description                 ? 
_exptl_crystal.F_000                       ? 
_exptl_crystal.id                          1 
_exptl_crystal.preparation                 ? 
_exptl_crystal.size_max                    ? 
_exptl_crystal.size_mid                    ? 
_exptl_crystal.size_min                    ? 
_exptl_crystal.size_rad                    ? 
_exptl_crystal.colour_lustre               ? 
_exptl_crystal.colour_modifier             ? 
_exptl_crystal.colour_primary              ? 
_exptl_crystal.density_meas                ? 
_exptl_crystal.density_meas_esd            ? 
_exptl_crystal.density_meas_gt             ? 
_exptl_crystal.density_meas_lt             ? 
_exptl_crystal.density_meas_temp           ? 
_exptl_crystal.density_meas_temp_esd       ? 
_exptl_crystal.density_meas_temp_gt        ? 
_exptl_crystal.density_meas_temp_lt        ? 
_exptl_crystal.pdbx_crystal_image_url      ? 
_exptl_crystal.pdbx_crystal_image_format   ? 
_exptl_crystal.pdbx_mosaicity              ? 
_exptl_crystal.pdbx_mosaicity_esd          ? 
# 
_exptl_crystal_grow.apparatus       ? 
_exptl_crystal_grow.atmosphere      ? 
_exptl_crystal_grow.crystal_id      1 
_exptl_crystal_grow.details         ? 
_exptl_crystal_grow.method          'VAPOR DIFFUSION, HANGING DROP' 
_exptl_crystal_grow.method_ref      ? 
_exptl_crystal_grow.pH              7.0 
_exptl_crystal_grow.pressure        ? 
_exptl_crystal_grow.pressure_esd    ? 
_exptl_crystal_grow.seeding         ? 
_exptl_crystal_grow.seeding_ref     ? 
_exptl_crystal_grow.temp            293 
_exptl_crystal_grow.temp_details    ? 
_exptl_crystal_grow.temp_esd        ? 
_exptl_crystal_grow.time            ? 
_exptl_crystal_grow.pdbx_details    
;Natrix crystallization screen (Hampton Research)
precipitant 22-26% (+/-)-2-Methyl-2,4-pentanediol
buffer 0.04 M Sodium cacodylate trihydrate
salt 0.04 M Magnezium chloride hexahydrate
0.08 M Strontium chloride hexahydrate
additive 0.012 M spermine tetrahydrochloride
;
_exptl_crystal_grow.pdbx_pH_range   ? 
# 
_diffrn.ambient_environment              ? 
_diffrn.ambient_temp                     100 
_diffrn.ambient_temp_details             ? 
_diffrn.ambient_temp_esd                 ? 
_diffrn.crystal_id                       1 
_diffrn.crystal_support                  ? 
_diffrn.crystal_treatment                ? 
_diffrn.details                          ? 
_diffrn.id                               1 
_diffrn.ambient_pressure                 ? 
_diffrn.ambient_pressure_esd             ? 
_diffrn.ambient_pressure_gt              ? 
_diffrn.ambient_pressure_lt              ? 
_diffrn.ambient_temp_gt                  ? 
_diffrn.ambient_temp_lt                  ? 
_diffrn.pdbx_serial_crystal_experiment   N 
# 
_diffrn_detector.details                      ? 
_diffrn_detector.detector                     PIXEL 
_diffrn_detector.diffrn_id                    1 
_diffrn_detector.type                         'DECTRIS PILATUS 2M' 
_diffrn_detector.area_resol_mean              ? 
_diffrn_detector.dtime                        ? 
_diffrn_detector.pdbx_frames_total            ? 
_diffrn_detector.pdbx_collection_time_total   ? 
_diffrn_detector.pdbx_collection_date         2018-03-08 
_diffrn_detector.pdbx_frequency               ? 
# 
_diffrn_radiation.collimation                      ? 
_diffrn_radiation.diffrn_id                        1 
_diffrn_radiation.filter_edge                      ? 
_diffrn_radiation.inhomogeneity                    ? 
_diffrn_radiation.monochromator                    'Si(111)' 
_diffrn_radiation.polarisn_norm                    ? 
_diffrn_radiation.polarisn_ratio                   ? 
_diffrn_radiation.probe                            ? 
_diffrn_radiation.type                             ? 
_diffrn_radiation.xray_symbol                      ? 
_diffrn_radiation.wavelength_id                    1 
_diffrn_radiation.pdbx_monochromatic_or_laue_m_l   M 
_diffrn_radiation.pdbx_wavelength_list             ? 
_diffrn_radiation.pdbx_wavelength                  ? 
_diffrn_radiation.pdbx_diffrn_protocol             'SINGLE WAVELENGTH' 
_diffrn_radiation.pdbx_analyzer                    ? 
_diffrn_radiation.pdbx_scattering_type             x-ray 
# 
_diffrn_radiation_wavelength.id           1 
_diffrn_radiation_wavelength.wavelength   0.979491 
_diffrn_radiation_wavelength.wt           1.0 
# 
_diffrn_source.current                     ? 
_diffrn_source.details                     ? 
_diffrn_source.diffrn_id                   1 
_diffrn_source.power                       ? 
_diffrn_source.size                        ? 
_diffrn_source.source                      SYNCHROTRON 
_diffrn_source.target                      ? 
_diffrn_source.type                        'BESSY BEAMLINE 14.2' 
_diffrn_source.voltage                     ? 
_diffrn_source.take-off_angle              ? 
_diffrn_source.pdbx_wavelength_list        0.979491 
_diffrn_source.pdbx_wavelength             ? 
_diffrn_source.pdbx_synchrotron_beamline   14.2 
_diffrn_source.pdbx_synchrotron_site       BESSY 
# 
_reflns.B_iso_Wilson_estimate            88 
_reflns.entry_id                         6ROS 
_reflns.data_reduction_details           ? 
_reflns.data_reduction_method            ? 
_reflns.d_resolution_high                2.7 
_reflns.d_resolution_low                 44.8 
_reflns.details                          ? 
_reflns.limit_h_max                      ? 
_reflns.limit_h_min                      ? 
_reflns.limit_k_max                      ? 
_reflns.limit_k_min                      ? 
_reflns.limit_l_max                      ? 
_reflns.limit_l_min                      ? 
_reflns.number_all                       ? 
_reflns.number_obs                       2126 
_reflns.observed_criterion               ? 
_reflns.observed_criterion_F_max         ? 
_reflns.observed_criterion_F_min         ? 
_reflns.observed_criterion_I_max         ? 
_reflns.observed_criterion_I_min         ? 
_reflns.observed_criterion_sigma_F       ? 
_reflns.observed_criterion_sigma_I       ? 
_reflns.percent_possible_obs             99.9 
_reflns.R_free_details                   ? 
_reflns.Rmerge_F_all                     ? 
_reflns.Rmerge_F_obs                     ? 
_reflns.Friedel_coverage                 ? 
_reflns.number_gt                        ? 
_reflns.threshold_expression             ? 
_reflns.pdbx_redundancy                  22.5 
_reflns.pdbx_Rmerge_I_obs                0.061 
_reflns.pdbx_Rmerge_I_all                ? 
_reflns.pdbx_Rsym_value                  ? 
_reflns.pdbx_netI_over_av_sigmaI         ? 
_reflns.pdbx_netI_over_sigmaI            24.7 
_reflns.pdbx_res_netI_over_av_sigmaI_2   ? 
_reflns.pdbx_res_netI_over_sigmaI_2      ? 
_reflns.pdbx_chi_squared                 1.01 
_reflns.pdbx_scaling_rejects             ? 
_reflns.pdbx_d_res_high_opt              ? 
_reflns.pdbx_d_res_low_opt               ? 
_reflns.pdbx_d_res_opt_method            ? 
_reflns.phase_calculation_details        ? 
_reflns.pdbx_Rrim_I_all                  0.062 
_reflns.pdbx_Rpim_I_all                  ? 
_reflns.pdbx_d_opt                       ? 
_reflns.pdbx_number_measured_all         ? 
_reflns.pdbx_diffrn_id                   1 
_reflns.pdbx_ordinal                     1 
_reflns.pdbx_CC_half                     1.000 
_reflns.pdbx_R_split                     ? 
# 
_reflns_shell.d_res_high                  2.70 
_reflns_shell.d_res_low                   2.85 
_reflns_shell.meanI_over_sigI_all         ? 
_reflns_shell.meanI_over_sigI_obs         2.2 
_reflns_shell.number_measured_all         ? 
_reflns_shell.number_measured_obs         ? 
_reflns_shell.number_possible             ? 
_reflns_shell.number_unique_all           ? 
_reflns_shell.number_unique_obs           290 
_reflns_shell.percent_possible_all        100 
_reflns_shell.percent_possible_obs        ? 
_reflns_shell.Rmerge_F_all                ? 
_reflns_shell.Rmerge_F_obs                ? 
_reflns_shell.Rmerge_I_all                ? 
_reflns_shell.Rmerge_I_obs                1.811 
_reflns_shell.meanI_over_sigI_gt          ? 
_reflns_shell.meanI_over_uI_all           ? 
_reflns_shell.meanI_over_uI_gt            ? 
_reflns_shell.number_measured_gt          ? 
_reflns_shell.number_unique_gt            ? 
_reflns_shell.percent_possible_gt         ? 
_reflns_shell.Rmerge_F_gt                 ? 
_reflns_shell.Rmerge_I_gt                 ? 
_reflns_shell.pdbx_redundancy             23.9 
_reflns_shell.pdbx_Rsym_value             ? 
_reflns_shell.pdbx_chi_squared            0.98 
_reflns_shell.pdbx_netI_over_sigmaI_all   ? 
_reflns_shell.pdbx_netI_over_sigmaI_obs   ? 
_reflns_shell.pdbx_Rrim_I_all             1.850 
_reflns_shell.pdbx_Rpim_I_all             0.372 
_reflns_shell.pdbx_rejects                ? 
_reflns_shell.pdbx_ordinal                1 
_reflns_shell.pdbx_diffrn_id              1 
_reflns_shell.pdbx_CC_half                0.869 
_reflns_shell.pdbx_R_split                ? 
# 
_refine.aniso_B[1][1]                            ? 
_refine.aniso_B[1][2]                            ? 
_refine.aniso_B[1][3]                            ? 
_refine.aniso_B[2][2]                            ? 
_refine.aniso_B[2][3]                            ? 
_refine.aniso_B[3][3]                            ? 
_refine.B_iso_max                                ? 
_refine.B_iso_mean                               108 
_refine.B_iso_min                                ? 
_refine.correlation_coeff_Fo_to_Fc               ? 
_refine.correlation_coeff_Fo_to_Fc_free          ? 
_refine.details                                  'Refined against non-anomalous structure factors (F_XDSdataset,SIGF_XDSdataset)' 
_refine.diff_density_max                         ? 
_refine.diff_density_max_esd                     ? 
_refine.diff_density_min                         ? 
_refine.diff_density_min_esd                     ? 
_refine.diff_density_rms                         ? 
_refine.diff_density_rms_esd                     ? 
_refine.entry_id                                 6ROS 
_refine.pdbx_refine_id                           'X-RAY DIFFRACTION' 
_refine.ls_abs_structure_details                 ? 
_refine.ls_abs_structure_Flack                   ? 
_refine.ls_abs_structure_Flack_esd               ? 
_refine.ls_abs_structure_Rogers                  ? 
_refine.ls_abs_structure_Rogers_esd              ? 
_refine.ls_d_res_high                            2.700 
_refine.ls_d_res_low                             35.325 
_refine.ls_extinction_coef                       ? 
_refine.ls_extinction_coef_esd                   ? 
_refine.ls_extinction_expression                 ? 
_refine.ls_extinction_method                     ? 
_refine.ls_goodness_of_fit_all                   ? 
_refine.ls_goodness_of_fit_all_esd               ? 
_refine.ls_goodness_of_fit_obs                   ? 
_refine.ls_goodness_of_fit_obs_esd               ? 
_refine.ls_hydrogen_treatment                    ? 
_refine.ls_matrix_type                           ? 
_refine.ls_number_constraints                    ? 
_refine.ls_number_parameters                     ? 
_refine.ls_number_reflns_all                     ? 
_refine.ls_number_reflns_obs                     2089 
_refine.ls_number_reflns_R_free                  95 
_refine.ls_number_reflns_R_work                  ? 
_refine.ls_number_restraints                     ? 
_refine.ls_percent_reflns_obs                    99.48 
_refine.ls_percent_reflns_R_free                 5 
_refine.ls_R_factor_all                          ? 
_refine.ls_R_factor_obs                          0.2498 
_refine.ls_R_factor_R_free                       0.2786 
_refine.ls_R_factor_R_free_error                 ? 
_refine.ls_R_factor_R_free_error_details         ? 
_refine.ls_R_factor_R_work                       0.2419 
_refine.ls_R_Fsqd_factor_obs                     ? 
_refine.ls_R_I_factor_obs                        ? 
_refine.ls_redundancy_reflns_all                 ? 
_refine.ls_redundancy_reflns_obs                 ? 
_refine.ls_restrained_S_all                      ? 
_refine.ls_restrained_S_obs                      ? 
_refine.ls_shift_over_esd_max                    ? 
_refine.ls_shift_over_esd_mean                   ? 
_refine.ls_structure_factor_coef                 ? 
_refine.ls_weighting_details                     ? 
_refine.ls_weighting_scheme                      ? 
_refine.ls_wR_factor_all                         ? 
_refine.ls_wR_factor_obs                         ? 
_refine.ls_wR_factor_R_free                      ? 
_refine.ls_wR_factor_R_work                      ? 
_refine.occupancy_max                            ? 
_refine.occupancy_min                            ? 
_refine.solvent_model_details                    ? 
_refine.solvent_model_param_bsol                 ? 
_refine.solvent_model_param_ksol                 ? 
_refine.ls_R_factor_gt                           ? 
_refine.ls_goodness_of_fit_gt                    ? 
_refine.ls_goodness_of_fit_ref                   ? 
_refine.ls_shift_over_su_max                     ? 
_refine.ls_shift_over_su_max_lt                  ? 
_refine.ls_shift_over_su_mean                    ? 
_refine.ls_shift_over_su_mean_lt                 ? 
_refine.pdbx_ls_sigma_I                          ? 
_refine.pdbx_ls_sigma_F                          1.35 
_refine.pdbx_ls_sigma_Fsqd                       ? 
_refine.pdbx_data_cutoff_high_absF               ? 
_refine.pdbx_data_cutoff_high_rms_absF           ? 
_refine.pdbx_data_cutoff_low_absF                ? 
_refine.pdbx_isotropic_thermal_model             ? 
_refine.pdbx_ls_cross_valid_method               'FREE R-VALUE' 
_refine.pdbx_method_to_determine_struct          'MOLECULAR REPLACEMENT' 
_refine.pdbx_starting_model                      'Deposition ID D_1200013700' 
_refine.pdbx_stereochemistry_target_values       ? 
_refine.pdbx_R_Free_selection_details            RANDOM 
_refine.pdbx_stereochem_target_val_spec_case     ? 
_refine.pdbx_overall_ESU_R                       ? 
_refine.pdbx_overall_ESU_R_Free                  ? 
_refine.pdbx_solvent_vdw_probe_radii             1.11 
_refine.pdbx_solvent_ion_probe_radii             ? 
_refine.pdbx_solvent_shrinkage_radii             0.90 
_refine.pdbx_real_space_R                        ? 
_refine.pdbx_density_correlation                 ? 
_refine.pdbx_pd_number_of_powder_patterns        ? 
_refine.pdbx_pd_number_of_points                 ? 
_refine.pdbx_pd_meas_number_of_points            ? 
_refine.pdbx_pd_proc_ls_prof_R_factor            ? 
_refine.pdbx_pd_proc_ls_prof_wR_factor           ? 
_refine.pdbx_pd_Marquardt_correlation_coeff      ? 
_refine.pdbx_pd_Fsqrd_R_factor                   ? 
_refine.pdbx_pd_ls_matrix_band_width             ? 
_refine.pdbx_overall_phase_error                 35.75 
_refine.pdbx_overall_SU_R_free_Cruickshank_DPI   ? 
_refine.pdbx_overall_SU_R_free_Blow_DPI          ? 
_refine.pdbx_overall_SU_R_Blow_DPI               ? 
_refine.pdbx_TLS_residual_ADP_flag               ? 
_refine.pdbx_diffrn_id                           1 
_refine.overall_SU_B                             ? 
_refine.overall_SU_ML                            0.51 
_refine.overall_SU_R_Cruickshank_DPI             ? 
_refine.overall_SU_R_free                        ? 
_refine.overall_FOM_free_R_set                   ? 
_refine.overall_FOM_work_R_set                   ? 
_refine.pdbx_average_fsc_overall                 ? 
_refine.pdbx_average_fsc_work                    ? 
_refine.pdbx_average_fsc_free                    ? 
# 
_refine_hist.pdbx_refine_id                   'X-RAY DIFFRACTION' 
_refine_hist.cycle_id                         LAST 
_refine_hist.pdbx_number_atoms_protein        0 
_refine_hist.pdbx_number_atoms_nucleic_acid   365 
_refine_hist.pdbx_number_atoms_ligand         3 
_refine_hist.number_atoms_solvent             0 
_refine_hist.number_atoms_total               368 
_refine_hist.d_res_high                       2.700 
_refine_hist.d_res_low                        35.325 
# 
loop_
_refine_ls_restr.pdbx_refine_id 
_refine_ls_restr.criterion 
_refine_ls_restr.dev_ideal 
_refine_ls_restr.dev_ideal_target 
_refine_ls_restr.number 
_refine_ls_restr.rejects 
_refine_ls_restr.type 
_refine_ls_restr.weight 
_refine_ls_restr.pdbx_restraint_function 
'X-RAY DIFFRACTION' ? 0.011  ? 408 ? f_bond_d           ? ? 
'X-RAY DIFFRACTION' ? 1.090  ? 628 ? f_angle_d          ? ? 
'X-RAY DIFFRACTION' ? 21.266 ? 176 ? f_dihedral_angle_d ? ? 
'X-RAY DIFFRACTION' ? 0.052  ? 71  ? f_chiral_restr     ? ? 
'X-RAY DIFFRACTION' ? 0.006  ? 18  ? f_plane_restr      ? ? 
# 
_refine_ls_shell.pdbx_refine_id                   'X-RAY DIFFRACTION' 
_refine_ls_shell.d_res_high                       2.7 
_refine_ls_shell.d_res_low                        ? 
_refine_ls_shell.number_reflns_all                ? 
_refine_ls_shell.number_reflns_obs                ? 
_refine_ls_shell.number_reflns_R_free             ? 
_refine_ls_shell.number_reflns_R_work             ? 
_refine_ls_shell.percent_reflns_obs               ? 
_refine_ls_shell.percent_reflns_R_free            ? 
_refine_ls_shell.R_factor_all                     ? 
_refine_ls_shell.R_factor_obs                     ? 
_refine_ls_shell.R_factor_R_free                  ? 
_refine_ls_shell.R_factor_R_free_error            ? 
_refine_ls_shell.R_factor_R_work                  ? 
_refine_ls_shell.redundancy_reflns_all            ? 
_refine_ls_shell.redundancy_reflns_obs            ? 
_refine_ls_shell.wR_factor_all                    ? 
_refine_ls_shell.wR_factor_obs                    ? 
_refine_ls_shell.wR_factor_R_free                 ? 
_refine_ls_shell.wR_factor_R_work                 ? 
_refine_ls_shell.pdbx_total_number_of_bins_used   ? 
_refine_ls_shell.pdbx_phase_error                 ? 
_refine_ls_shell.pdbx_fsc_work                    ? 
_refine_ls_shell.pdbx_fsc_free                    ? 
# 
_struct.entry_id                     6ROS 
_struct.title                        'REP related 18-mer DNA' 
_struct.pdbx_model_details           ? 
_struct.pdbx_formula_weight          ? 
_struct.pdbx_formula_weight_method   ? 
_struct.pdbx_model_type_details      ? 
_struct.pdbx_CASP_flag               N 
# 
_struct_keywords.entry_id        6ROS 
_struct_keywords.text            'A-DNA, Duplex, non-canonical pairing, T-T mismatch, REP, DNA, Cardiobacterium hominis' 
_struct_keywords.pdbx_keywords   DNA 
# 
loop_
_struct_asym.id 
_struct_asym.pdbx_blank_PDB_chainid_flag 
_struct_asym.pdbx_modified 
_struct_asym.entity_id 
_struct_asym.details 
A N N 1 ? 
B N N 2 ? 
C N N 2 ? 
D N N 2 ? 
# 
_struct_ref.id                         1 
_struct_ref.db_name                    PDB 
_struct_ref.db_code                    6ROS 
_struct_ref.pdbx_db_accession          6ROS 
_struct_ref.pdbx_db_isoform            ? 
_struct_ref.entity_id                  1 
_struct_ref.pdbx_seq_one_letter_code   ? 
_struct_ref.pdbx_align_begin           1 
# 
_struct_ref_seq.align_id                      1 
_struct_ref_seq.ref_id                        1 
_struct_ref_seq.pdbx_PDB_id_code              6ROS 
_struct_ref_seq.pdbx_strand_id                A 
_struct_ref_seq.seq_align_beg                 1 
_struct_ref_seq.pdbx_seq_align_beg_ins_code   ? 
_struct_ref_seq.seq_align_end                 18 
_struct_ref_seq.pdbx_seq_align_end_ins_code   ? 
_struct_ref_seq.pdbx_db_accession             6ROS 
_struct_ref_seq.db_align_beg                  1 
_struct_ref_seq.pdbx_db_align_beg_ins_code    ? 
_struct_ref_seq.db_align_end                  18 
_struct_ref_seq.pdbx_db_align_end_ins_code    ? 
_struct_ref_seq.pdbx_auth_seq_align_beg       1 
_struct_ref_seq.pdbx_auth_seq_align_end       18 
# 
_pdbx_struct_assembly.id                   1 
_pdbx_struct_assembly.details              author_and_software_defined_assembly 
_pdbx_struct_assembly.method_details       PISA 
_pdbx_struct_assembly.oligomeric_details   dimeric 
_pdbx_struct_assembly.oligomeric_count     2 
# 
loop_
_pdbx_struct_assembly_prop.biol_id 
_pdbx_struct_assembly_prop.type 
_pdbx_struct_assembly_prop.value 
_pdbx_struct_assembly_prop.details 
1 'ABSA (A^2)' 2700 ? 
1 MORE         -130 ? 
1 'SSA (A^2)'  6230 ? 
# 
_pdbx_struct_assembly_gen.assembly_id       1 
_pdbx_struct_assembly_gen.oper_expression   1,2 
_pdbx_struct_assembly_gen.asym_id_list      A,B,C,D 
# 
_pdbx_struct_assembly_auth_evidence.id                     1 
_pdbx_struct_assembly_auth_evidence.assembly_id            1 
_pdbx_struct_assembly_auth_evidence.experimental_support   none 
_pdbx_struct_assembly_auth_evidence.details                ? 
# 
loop_
_pdbx_struct_oper_list.id 
_pdbx_struct_oper_list.type 
_pdbx_struct_oper_list.name 
_pdbx_struct_oper_list.symmetry_operation 
_pdbx_struct_oper_list.matrix[1][1] 
_pdbx_struct_oper_list.matrix[1][2] 
_pdbx_struct_oper_list.matrix[1][3] 
_pdbx_struct_oper_list.vector[1] 
_pdbx_struct_oper_list.matrix[2][1] 
_pdbx_struct_oper_list.matrix[2][2] 
_pdbx_struct_oper_list.matrix[2][3] 
_pdbx_struct_oper_list.vector[2] 
_pdbx_struct_oper_list.matrix[3][1] 
_pdbx_struct_oper_list.matrix[3][2] 
_pdbx_struct_oper_list.matrix[3][3] 
_pdbx_struct_oper_list.vector[3] 
1 'identity operation'         1_555 x,y,z      1.0000000000  0.0000000000 0.0000000000 0.0000000000 0.0000000000 1.0000000000  0.0000000000 0.0000000000  0.0000000000 0.0000000000 1.0000000000  0.0000000000  
2 'crystal symmetry operation' 7_465 y-1,x+1,-z -0.6080955618 0.5473396223 0.5750122830 2.8567421739 0.5473396223 -0.2355772659 0.8030707875 -1.6590836915 0.5750122830 0.8030707875 -0.1563271723 -0.3677968312 
# 
loop_
_struct_conn.id 
_struct_conn.conn_type_id 
_struct_conn.pdbx_leaving_atom_flag 
_struct_conn.pdbx_PDB_id 
_struct_conn.ptnr1_label_asym_id 
_struct_conn.ptnr1_label_comp_id 
_struct_conn.ptnr1_label_seq_id 
_struct_conn.ptnr1_label_atom_id 
_struct_conn.pdbx_ptnr1_label_alt_id 
_struct_conn.pdbx_ptnr1_PDB_ins_code 
_struct_conn.pdbx_ptnr1_standard_comp_id 
_struct_conn.ptnr1_symmetry 
_struct_conn.ptnr2_label_asym_id 
_struct_conn.ptnr2_label_comp_id 
_struct_conn.ptnr2_label_seq_id 
_struct_conn.ptnr2_label_atom_id 
_struct_conn.pdbx_ptnr2_label_alt_id 
_struct_conn.pdbx_ptnr2_PDB_ins_code 
_struct_conn.ptnr1_auth_asym_id 
_struct_conn.ptnr1_auth_comp_id 
_struct_conn.ptnr1_auth_seq_id 
_struct_conn.ptnr2_auth_asym_id 
_struct_conn.ptnr2_auth_comp_id 
_struct_conn.ptnr2_auth_seq_id 
_struct_conn.ptnr2_symmetry 
_struct_conn.pdbx_ptnr3_label_atom_id 
_struct_conn.pdbx_ptnr3_label_seq_id 
_struct_conn.pdbx_ptnr3_label_comp_id 
_struct_conn.pdbx_ptnr3_label_asym_id 
_struct_conn.pdbx_ptnr3_label_alt_id 
_struct_conn.pdbx_ptnr3_PDB_ins_code 
_struct_conn.details 
_struct_conn.pdbx_dist_value 
_struct_conn.pdbx_value_order 
_struct_conn.pdbx_role 
metalc1  metalc ? ? A DG 6  O6 ? ? ? 1_555 C SR .  SR ? ? A DG 6  A SR 102 7_465 ? ? ? ? ? ? ?            2.895 ? ? 
metalc2  metalc ? ? A DG 7  O6 ? ? ? 1_555 C SR .  SR ? ? A DG 7  A SR 102 7_465 ? ? ? ? ? ? ?            2.751 ? ? 
hydrog1  hydrog ? ? A DG 1  N1 ? ? ? 1_555 A DC 18 N3 ? ? A DG 1  A DC 18  7_465 ? ? ? ? ? ? WATSON-CRICK ?     ? ? 
hydrog2  hydrog ? ? A DG 1  N2 ? ? ? 1_555 A DC 18 O2 ? ? A DG 1  A DC 18  7_465 ? ? ? ? ? ? WATSON-CRICK ?     ? ? 
hydrog3  hydrog ? ? A DG 1  O6 ? ? ? 1_555 A DC 18 N4 ? ? A DG 1  A DC 18  7_465 ? ? ? ? ? ? WATSON-CRICK ?     ? ? 
hydrog4  hydrog ? ? A DG 2  N1 ? ? ? 1_555 A DC 17 N3 ? ? A DG 2  A DC 17  7_465 ? ? ? ? ? ? WATSON-CRICK ?     ? ? 
hydrog5  hydrog ? ? A DG 2  N2 ? ? ? 1_555 A DC 17 O2 ? ? A DG 2  A DC 17  7_465 ? ? ? ? ? ? WATSON-CRICK ?     ? ? 
hydrog6  hydrog ? ? A DG 2  O6 ? ? ? 1_555 A DC 17 N4 ? ? A DG 2  A DC 17  7_465 ? ? ? ? ? ? WATSON-CRICK ?     ? ? 
hydrog7  hydrog ? ? A DT 3  N3 ? ? ? 1_555 A DA 16 N1 ? ? A DT 3  A DA 16  7_465 ? ? ? ? ? ? WATSON-CRICK ?     ? ? 
hydrog8  hydrog ? ? A DT 3  O4 ? ? ? 1_555 A DA 16 N6 ? ? A DT 3  A DA 16  7_465 ? ? ? ? ? ? WATSON-CRICK ?     ? ? 
hydrog9  hydrog ? ? A DG 4  N1 ? ? ? 1_555 A DC 15 N3 ? ? A DG 4  A DC 15  7_465 ? ? ? ? ? ? WATSON-CRICK ?     ? ? 
hydrog10 hydrog ? ? A DG 4  N2 ? ? ? 1_555 A DC 15 O2 ? ? A DG 4  A DC 15  7_465 ? ? ? ? ? ? WATSON-CRICK ?     ? ? 
hydrog11 hydrog ? ? A DG 4  O6 ? ? ? 1_555 A DC 15 N4 ? ? A DG 4  A DC 15  7_465 ? ? ? ? ? ? WATSON-CRICK ?     ? ? 
hydrog12 hydrog ? ? A DG 5  N1 ? ? ? 1_555 A DC 14 N3 ? ? A DG 5  A DC 14  7_465 ? ? ? ? ? ? WATSON-CRICK ?     ? ? 
hydrog13 hydrog ? ? A DG 5  N2 ? ? ? 1_555 A DC 14 O2 ? ? A DG 5  A DC 14  7_465 ? ? ? ? ? ? WATSON-CRICK ?     ? ? 
hydrog14 hydrog ? ? A DG 5  O6 ? ? ? 1_555 A DC 14 N4 ? ? A DG 5  A DC 14  7_465 ? ? ? ? ? ? WATSON-CRICK ?     ? ? 
hydrog15 hydrog ? ? A DG 6  N1 ? ? ? 1_555 A DC 13 N3 ? ? A DG 6  A DC 13  7_465 ? ? ? ? ? ? WATSON-CRICK ?     ? ? 
hydrog16 hydrog ? ? A DG 6  N2 ? ? ? 1_555 A DC 13 O2 ? ? A DG 6  A DC 13  7_465 ? ? ? ? ? ? WATSON-CRICK ?     ? ? 
hydrog17 hydrog ? ? A DG 6  O6 ? ? ? 1_555 A DC 13 N4 ? ? A DG 6  A DC 13  7_465 ? ? ? ? ? ? WATSON-CRICK ?     ? ? 
hydrog18 hydrog ? ? A DG 7  N1 ? ? ? 1_555 A DC 12 N3 ? ? A DG 7  A DC 12  7_465 ? ? ? ? ? ? WATSON-CRICK ?     ? ? 
hydrog19 hydrog ? ? A DG 7  N2 ? ? ? 1_555 A DC 12 O2 ? ? A DG 7  A DC 12  7_465 ? ? ? ? ? ? WATSON-CRICK ?     ? ? 
hydrog20 hydrog ? ? A DG 7  O6 ? ? ? 1_555 A DC 12 N4 ? ? A DG 7  A DC 12  7_465 ? ? ? ? ? ? WATSON-CRICK ?     ? ? 
hydrog21 hydrog ? ? A DC 8  N3 ? ? ? 1_555 A DG 11 N1 ? ? A DC 8  A DG 11  7_465 ? ? ? ? ? ? WATSON-CRICK ?     ? ? 
hydrog22 hydrog ? ? A DC 8  N4 ? ? ? 1_555 A DG 11 O6 ? ? A DC 8  A DG 11  7_465 ? ? ? ? ? ? WATSON-CRICK ?     ? ? 
hydrog23 hydrog ? ? A DC 8  O2 ? ? ? 1_555 A DG 11 N2 ? ? A DC 8  A DG 11  7_465 ? ? ? ? ? ? WATSON-CRICK ?     ? ? 
hydrog24 hydrog ? ? A DT 9  N3 ? ? ? 1_555 A DT 10 O4 ? ? A DT 9  A DT 10  7_465 ? ? ? ? ? ? TYPE_16_PAIR ?     ? ? 
hydrog25 hydrog ? ? A DT 9  O2 ? ? ? 1_555 A DT 10 N3 ? ? A DT 9  A DT 10  7_465 ? ? ? ? ? ? TYPE_16_PAIR ?     ? ? 
hydrog26 hydrog ? ? A DT 10 N3 ? ? ? 1_555 A DT 9  O2 ? ? A DT 10 A DT 9   7_465 ? ? ? ? ? ? TYPE_16_PAIR ?     ? ? 
hydrog27 hydrog ? ? A DT 10 O4 ? ? ? 1_555 A DT 9  N3 ? ? A DT 10 A DT 9   7_465 ? ? ? ? ? ? TYPE_16_PAIR ?     ? ? 
hydrog28 hydrog ? ? A DG 11 N1 ? ? ? 1_555 A DC 8  N3 ? ? A DG 11 A DC 8   7_465 ? ? ? ? ? ? WATSON-CRICK ?     ? ? 
hydrog29 hydrog ? ? A DG 11 N2 ? ? ? 1_555 A DC 8  O2 ? ? A DG 11 A DC 8   7_465 ? ? ? ? ? ? WATSON-CRICK ?     ? ? 
hydrog30 hydrog ? ? A DG 11 O6 ? ? ? 1_555 A DC 8  N4 ? ? A DG 11 A DC 8   7_465 ? ? ? ? ? ? WATSON-CRICK ?     ? ? 
hydrog31 hydrog ? ? A DC 12 N3 ? ? ? 1_555 A DG 7  N1 ? ? A DC 12 A DG 7   7_465 ? ? ? ? ? ? WATSON-CRICK ?     ? ? 
hydrog32 hydrog ? ? A DC 12 N4 ? ? ? 1_555 A DG 7  O6 ? ? A DC 12 A DG 7   7_465 ? ? ? ? ? ? WATSON-CRICK ?     ? ? 
hydrog33 hydrog ? ? A DC 12 O2 ? ? ? 1_555 A DG 7  N2 ? ? A DC 12 A DG 7   7_465 ? ? ? ? ? ? WATSON-CRICK ?     ? ? 
hydrog34 hydrog ? ? A DC 13 N3 ? ? ? 1_555 A DG 6  N1 ? ? A DC 13 A DG 6   7_465 ? ? ? ? ? ? WATSON-CRICK ?     ? ? 
hydrog35 hydrog ? ? A DC 13 N4 ? ? ? 1_555 A DG 6  O6 ? ? A DC 13 A DG 6   7_465 ? ? ? ? ? ? WATSON-CRICK ?     ? ? 
hydrog36 hydrog ? ? A DC 13 O2 ? ? ? 1_555 A DG 6  N2 ? ? A DC 13 A DG 6   7_465 ? ? ? ? ? ? WATSON-CRICK ?     ? ? 
hydrog37 hydrog ? ? A DC 14 N3 ? ? ? 1_555 A DG 5  N1 ? ? A DC 14 A DG 5   7_465 ? ? ? ? ? ? WATSON-CRICK ?     ? ? 
hydrog38 hydrog ? ? A DC 14 N4 ? ? ? 1_555 A DG 5  O6 ? ? A DC 14 A DG 5   7_465 ? ? ? ? ? ? WATSON-CRICK ?     ? ? 
hydrog39 hydrog ? ? A DC 14 O2 ? ? ? 1_555 A DG 5  N2 ? ? A DC 14 A DG 5   7_465 ? ? ? ? ? ? WATSON-CRICK ?     ? ? 
hydrog40 hydrog ? ? A DC 15 N3 ? ? ? 1_555 A DG 4  N1 ? ? A DC 15 A DG 4   7_465 ? ? ? ? ? ? WATSON-CRICK ?     ? ? 
hydrog41 hydrog ? ? A DC 15 N4 ? ? ? 1_555 A DG 4  O6 ? ? A DC 15 A DG 4   7_465 ? ? ? ? ? ? WATSON-CRICK ?     ? ? 
hydrog42 hydrog ? ? A DC 15 O2 ? ? ? 1_555 A DG 4  N2 ? ? A DC 15 A DG 4   7_465 ? ? ? ? ? ? WATSON-CRICK ?     ? ? 
hydrog43 hydrog ? ? A DA 16 N1 ? ? ? 1_555 A DT 3  N3 ? ? A DA 16 A DT 3   7_465 ? ? ? ? ? ? WATSON-CRICK ?     ? ? 
hydrog44 hydrog ? ? A DA 16 N6 ? ? ? 1_555 A DT 3  O4 ? ? A DA 16 A DT 3   7_465 ? ? ? ? ? ? WATSON-CRICK ?     ? ? 
hydrog45 hydrog ? ? A DC 17 N3 ? ? ? 1_555 A DG 2  N1 ? ? A DC 17 A DG 2   7_465 ? ? ? ? ? ? WATSON-CRICK ?     ? ? 
hydrog46 hydrog ? ? A DC 17 N4 ? ? ? 1_555 A DG 2  O6 ? ? A DC 17 A DG 2   7_465 ? ? ? ? ? ? WATSON-CRICK ?     ? ? 
hydrog47 hydrog ? ? A DC 17 O2 ? ? ? 1_555 A DG 2  N2 ? ? A DC 17 A DG 2   7_465 ? ? ? ? ? ? WATSON-CRICK ?     ? ? 
hydrog48 hydrog ? ? A DC 18 N3 ? ? ? 1_555 A DG 1  N1 ? ? A DC 18 A DG 1   7_465 ? ? ? ? ? ? WATSON-CRICK ?     ? ? 
hydrog49 hydrog ? ? A DC 18 N4 ? ? ? 1_555 A DG 1  O6 ? ? A DC 18 A DG 1   7_465 ? ? ? ? ? ? WATSON-CRICK ?     ? ? 
hydrog50 hydrog ? ? A DC 18 O2 ? ? ? 1_555 A DG 1  N2 ? ? A DC 18 A DG 1   7_465 ? ? ? ? ? ? WATSON-CRICK ?     ? ? 
# 
loop_
_struct_conn_type.id 
_struct_conn_type.criteria 
_struct_conn_type.reference 
metalc ? ? 
hydrog ? ? 
# 
_pdbx_struct_conn_angle.id                    1 
_pdbx_struct_conn_angle.ptnr1_label_atom_id   O6 
_pdbx_struct_conn_angle.ptnr1_label_alt_id    ? 
_pdbx_struct_conn_angle.ptnr1_label_asym_id   A 
_pdbx_struct_conn_angle.ptnr1_label_comp_id   DG 
_pdbx_struct_conn_angle.ptnr1_label_seq_id    6 
_pdbx_struct_conn_angle.ptnr1_auth_atom_id    ? 
_pdbx_struct_conn_angle.ptnr1_auth_asym_id    A 
_pdbx_struct_conn_angle.ptnr1_auth_comp_id    DG 
_pdbx_struct_conn_angle.ptnr1_auth_seq_id     6 
_pdbx_struct_conn_angle.ptnr1_PDB_ins_code    ? 
_pdbx_struct_conn_angle.ptnr1_symmetry        1_555 
_pdbx_struct_conn_angle.ptnr2_label_atom_id   SR 
_pdbx_struct_conn_angle.ptnr2_label_alt_id    ? 
_pdbx_struct_conn_angle.ptnr2_label_asym_id   C 
_pdbx_struct_conn_angle.ptnr2_label_comp_id   SR 
_pdbx_struct_conn_angle.ptnr2_label_seq_id    . 
_pdbx_struct_conn_angle.ptnr2_auth_atom_id    ? 
_pdbx_struct_conn_angle.ptnr2_auth_asym_id    A 
_pdbx_struct_conn_angle.ptnr2_auth_comp_id    SR 
_pdbx_struct_conn_angle.ptnr2_auth_seq_id     102 
_pdbx_struct_conn_angle.ptnr2_PDB_ins_code    ? 
_pdbx_struct_conn_angle.ptnr2_symmetry        7_465 
_pdbx_struct_conn_angle.ptnr3_label_atom_id   O6 
_pdbx_struct_conn_angle.ptnr3_label_alt_id    ? 
_pdbx_struct_conn_angle.ptnr3_label_asym_id   A 
_pdbx_struct_conn_angle.ptnr3_label_comp_id   DG 
_pdbx_struct_conn_angle.ptnr3_label_seq_id    7 
_pdbx_struct_conn_angle.ptnr3_auth_atom_id    ? 
_pdbx_struct_conn_angle.ptnr3_auth_asym_id    A 
_pdbx_struct_conn_angle.ptnr3_auth_comp_id    DG 
_pdbx_struct_conn_angle.ptnr3_auth_seq_id     7 
_pdbx_struct_conn_angle.ptnr3_PDB_ins_code    ? 
_pdbx_struct_conn_angle.ptnr3_symmetry        1_555 
_pdbx_struct_conn_angle.value                 70.8 
_pdbx_struct_conn_angle.value_esd             ? 
# 
loop_
_struct_site.id 
_struct_site.pdbx_evidence_code 
_struct_site.pdbx_auth_asym_id 
_struct_site.pdbx_auth_comp_id 
_struct_site.pdbx_auth_seq_id 
_struct_site.pdbx_auth_ins_code 
_struct_site.pdbx_num_residues 
_struct_site.details 
AC1 Software A SR 101 ? 2 'binding site for residue SR A 101' 
AC2 Software A SR 102 ? 2 'binding site for residue SR A 102' 
AC3 Software A SR 103 ? 1 'binding site for residue SR A 103' 
# 
loop_
_struct_site_gen.id 
_struct_site_gen.site_id 
_struct_site_gen.pdbx_num_res 
_struct_site_gen.label_comp_id 
_struct_site_gen.label_asym_id 
_struct_site_gen.label_seq_id 
_struct_site_gen.pdbx_auth_ins_code 
_struct_site_gen.auth_comp_id 
_struct_site_gen.auth_asym_id 
_struct_site_gen.auth_seq_id 
_struct_site_gen.label_atom_id 
_struct_site_gen.label_alt_id 
_struct_site_gen.symmetry 
_struct_site_gen.details 
1 AC1 2 DT A 9 ? DT A 9 . ? 1_555 ? 
2 AC1 2 DT A 9 ? DT A 9 . ? 7_465 ? 
3 AC2 2 DG A 6 ? DG A 6 . ? 7_465 ? 
4 AC2 2 DG A 7 ? DG A 7 . ? 7_465 ? 
5 AC3 1 DG A 2 ? DG A 2 . ? 7_465 ? 
# 
_pdbx_validate_rmsd_bond.id                        1 
_pdbx_validate_rmsd_bond.PDB_model_num             1 
_pdbx_validate_rmsd_bond.auth_atom_id_1            "O3'" 
_pdbx_validate_rmsd_bond.auth_asym_id_1            A 
_pdbx_validate_rmsd_bond.auth_comp_id_1            DA 
_pdbx_validate_rmsd_bond.auth_seq_id_1             16 
_pdbx_validate_rmsd_bond.PDB_ins_code_1            ? 
_pdbx_validate_rmsd_bond.label_alt_id_1            ? 
_pdbx_validate_rmsd_bond.auth_atom_id_2            "C3'" 
_pdbx_validate_rmsd_bond.auth_asym_id_2            A 
_pdbx_validate_rmsd_bond.auth_comp_id_2            DA 
_pdbx_validate_rmsd_bond.auth_seq_id_2             16 
_pdbx_validate_rmsd_bond.PDB_ins_code_2            ? 
_pdbx_validate_rmsd_bond.label_alt_id_2            ? 
_pdbx_validate_rmsd_bond.bond_value                1.381 
_pdbx_validate_rmsd_bond.bond_target_value         1.419 
_pdbx_validate_rmsd_bond.bond_deviation            -0.038 
_pdbx_validate_rmsd_bond.bond_standard_deviation   0.006 
_pdbx_validate_rmsd_bond.linker_flag               N 
# 
loop_
_pdbx_validate_rmsd_angle.id 
_pdbx_validate_rmsd_angle.PDB_model_num 
_pdbx_validate_rmsd_angle.auth_atom_id_1 
_pdbx_validate_rmsd_angle.auth_asym_id_1 
_pdbx_validate_rmsd_angle.auth_comp_id_1 
_pdbx_validate_rmsd_angle.auth_seq_id_1 
_pdbx_validate_rmsd_angle.PDB_ins_code_1 
_pdbx_validate_rmsd_angle.label_alt_id_1 
_pdbx_validate_rmsd_angle.auth_atom_id_2 
_pdbx_validate_rmsd_angle.auth_asym_id_2 
_pdbx_validate_rmsd_angle.auth_comp_id_2 
_pdbx_validate_rmsd_angle.auth_seq_id_2 
_pdbx_validate_rmsd_angle.PDB_ins_code_2 
_pdbx_validate_rmsd_angle.label_alt_id_2 
_pdbx_validate_rmsd_angle.auth_atom_id_3 
_pdbx_validate_rmsd_angle.auth_asym_id_3 
_pdbx_validate_rmsd_angle.auth_comp_id_3 
_pdbx_validate_rmsd_angle.auth_seq_id_3 
_pdbx_validate_rmsd_angle.PDB_ins_code_3 
_pdbx_validate_rmsd_angle.label_alt_id_3 
_pdbx_validate_rmsd_angle.angle_value 
_pdbx_validate_rmsd_angle.angle_target_value 
_pdbx_validate_rmsd_angle.angle_deviation 
_pdbx_validate_rmsd_angle.angle_standard_deviation 
_pdbx_validate_rmsd_angle.linker_flag 
1 1 "O4'" A DG 5  ? ? "C1'" A DG 5  ? ? N9 A DG 5  ? ? 110.17 108.30 1.87 0.30 N 
2 1 "O4'" A DT 9  ? ? "C1'" A DT 9  ? ? N1 A DT 9  ? ? 110.24 108.30 1.94 0.30 N 
3 1 "O4'" A DC 12 ? ? "C1'" A DC 12 ? ? N1 A DC 12 ? ? 112.69 108.30 4.39 0.30 N 
# 
_pdbx_struct_special_symmetry.id              1 
_pdbx_struct_special_symmetry.PDB_model_num   1 
_pdbx_struct_special_symmetry.auth_asym_id    A 
_pdbx_struct_special_symmetry.auth_comp_id    SR 
_pdbx_struct_special_symmetry.auth_seq_id     101 
_pdbx_struct_special_symmetry.PDB_ins_code    ? 
_pdbx_struct_special_symmetry.label_asym_id   B 
_pdbx_struct_special_symmetry.label_comp_id   SR 
_pdbx_struct_special_symmetry.label_seq_id    . 
# 
loop_
_chem_comp_atom.comp_id 
_chem_comp_atom.atom_id 
_chem_comp_atom.type_symbol 
_chem_comp_atom.pdbx_aromatic_flag 
_chem_comp_atom.pdbx_stereo_config 
_chem_comp_atom.pdbx_ordinal 
DA OP3    O  N N 1   
DA P      P  N N 2   
DA OP1    O  N N 3   
DA OP2    O  N N 4   
DA "O5'"  O  N N 5   
DA "C5'"  C  N N 6   
DA "C4'"  C  N R 7   
DA "O4'"  O  N N 8   
DA "C3'"  C  N S 9   
DA "O3'"  O  N N 10  
DA "C2'"  C  N N 11  
DA "C1'"  C  N R 12  
DA N9     N  Y N 13  
DA C8     C  Y N 14  
DA N7     N  Y N 15  
DA C5     C  Y N 16  
DA C6     C  Y N 17  
DA N6     N  N N 18  
DA N1     N  Y N 19  
DA C2     C  Y N 20  
DA N3     N  Y N 21  
DA C4     C  Y N 22  
DA HOP3   H  N N 23  
DA HOP2   H  N N 24  
DA "H5'"  H  N N 25  
DA "H5''" H  N N 26  
DA "H4'"  H  N N 27  
DA "H3'"  H  N N 28  
DA "HO3'" H  N N 29  
DA "H2'"  H  N N 30  
DA "H2''" H  N N 31  
DA "H1'"  H  N N 32  
DA H8     H  N N 33  
DA H61    H  N N 34  
DA H62    H  N N 35  
DA H2     H  N N 36  
DC OP3    O  N N 37  
DC P      P  N N 38  
DC OP1    O  N N 39  
DC OP2    O  N N 40  
DC "O5'"  O  N N 41  
DC "C5'"  C  N N 42  
DC "C4'"  C  N R 43  
DC "O4'"  O  N N 44  
DC "C3'"  C  N S 45  
DC "O3'"  O  N N 46  
DC "C2'"  C  N N 47  
DC "C1'"  C  N R 48  
DC N1     N  N N 49  
DC C2     C  N N 50  
DC O2     O  N N 51  
DC N3     N  N N 52  
DC C4     C  N N 53  
DC N4     N  N N 54  
DC C5     C  N N 55  
DC C6     C  N N 56  
DC HOP3   H  N N 57  
DC HOP2   H  N N 58  
DC "H5'"  H  N N 59  
DC "H5''" H  N N 60  
DC "H4'"  H  N N 61  
DC "H3'"  H  N N 62  
DC "HO3'" H  N N 63  
DC "H2'"  H  N N 64  
DC "H2''" H  N N 65  
DC "H1'"  H  N N 66  
DC H41    H  N N 67  
DC H42    H  N N 68  
DC H5     H  N N 69  
DC H6     H  N N 70  
DG OP3    O  N N 71  
DG P      P  N N 72  
DG OP1    O  N N 73  
DG OP2    O  N N 74  
DG "O5'"  O  N N 75  
DG "C5'"  C  N N 76  
DG "C4'"  C  N R 77  
DG "O4'"  O  N N 78  
DG "C3'"  C  N S 79  
DG "O3'"  O  N N 80  
DG "C2'"  C  N N 81  
DG "C1'"  C  N R 82  
DG N9     N  Y N 83  
DG C8     C  Y N 84  
DG N7     N  Y N 85  
DG C5     C  Y N 86  
DG C6     C  N N 87  
DG O6     O  N N 88  
DG N1     N  N N 89  
DG C2     C  N N 90  
DG N2     N  N N 91  
DG N3     N  N N 92  
DG C4     C  Y N 93  
DG HOP3   H  N N 94  
DG HOP2   H  N N 95  
DG "H5'"  H  N N 96  
DG "H5''" H  N N 97  
DG "H4'"  H  N N 98  
DG "H3'"  H  N N 99  
DG "HO3'" H  N N 100 
DG "H2'"  H  N N 101 
DG "H2''" H  N N 102 
DG "H1'"  H  N N 103 
DG H8     H  N N 104 
DG H1     H  N N 105 
DG H21    H  N N 106 
DG H22    H  N N 107 
DT OP3    O  N N 108 
DT P      P  N N 109 
DT OP1    O  N N 110 
DT OP2    O  N N 111 
DT "O5'"  O  N N 112 
DT "C5'"  C  N N 113 
DT "C4'"  C  N R 114 
DT "O4'"  O  N N 115 
DT "C3'"  C  N S 116 
DT "O3'"  O  N N 117 
DT "C2'"  C  N N 118 
DT "C1'"  C  N R 119 
DT N1     N  N N 120 
DT C2     C  N N 121 
DT O2     O  N N 122 
DT N3     N  N N 123 
DT C4     C  N N 124 
DT O4     O  N N 125 
DT C5     C  N N 126 
DT C7     C  N N 127 
DT C6     C  N N 128 
DT HOP3   H  N N 129 
DT HOP2   H  N N 130 
DT "H5'"  H  N N 131 
DT "H5''" H  N N 132 
DT "H4'"  H  N N 133 
DT "H3'"  H  N N 134 
DT "HO3'" H  N N 135 
DT "H2'"  H  N N 136 
DT "H2''" H  N N 137 
DT "H1'"  H  N N 138 
DT H3     H  N N 139 
DT H71    H  N N 140 
DT H72    H  N N 141 
DT H73    H  N N 142 
DT H6     H  N N 143 
SR SR     SR N N 144 
# 
loop_
_chem_comp_bond.comp_id 
_chem_comp_bond.atom_id_1 
_chem_comp_bond.atom_id_2 
_chem_comp_bond.value_order 
_chem_comp_bond.pdbx_aromatic_flag 
_chem_comp_bond.pdbx_stereo_config 
_chem_comp_bond.pdbx_ordinal 
DA OP3   P      sing N N 1   
DA OP3   HOP3   sing N N 2   
DA P     OP1    doub N N 3   
DA P     OP2    sing N N 4   
DA P     "O5'"  sing N N 5   
DA OP2   HOP2   sing N N 6   
DA "O5'" "C5'"  sing N N 7   
DA "C5'" "C4'"  sing N N 8   
DA "C5'" "H5'"  sing N N 9   
DA "C5'" "H5''" sing N N 10  
DA "C4'" "O4'"  sing N N 11  
DA "C4'" "C3'"  sing N N 12  
DA "C4'" "H4'"  sing N N 13  
DA "O4'" "C1'"  sing N N 14  
DA "C3'" "O3'"  sing N N 15  
DA "C3'" "C2'"  sing N N 16  
DA "C3'" "H3'"  sing N N 17  
DA "O3'" "HO3'" sing N N 18  
DA "C2'" "C1'"  sing N N 19  
DA "C2'" "H2'"  sing N N 20  
DA "C2'" "H2''" sing N N 21  
DA "C1'" N9     sing N N 22  
DA "C1'" "H1'"  sing N N 23  
DA N9    C8     sing Y N 24  
DA N9    C4     sing Y N 25  
DA C8    N7     doub Y N 26  
DA C8    H8     sing N N 27  
DA N7    C5     sing Y N 28  
DA C5    C6     sing Y N 29  
DA C5    C4     doub Y N 30  
DA C6    N6     sing N N 31  
DA C6    N1     doub Y N 32  
DA N6    H61    sing N N 33  
DA N6    H62    sing N N 34  
DA N1    C2     sing Y N 35  
DA C2    N3     doub Y N 36  
DA C2    H2     sing N N 37  
DA N3    C4     sing Y N 38  
DC OP3   P      sing N N 39  
DC OP3   HOP3   sing N N 40  
DC P     OP1    doub N N 41  
DC P     OP2    sing N N 42  
DC P     "O5'"  sing N N 43  
DC OP2   HOP2   sing N N 44  
DC "O5'" "C5'"  sing N N 45  
DC "C5'" "C4'"  sing N N 46  
DC "C5'" "H5'"  sing N N 47  
DC "C5'" "H5''" sing N N 48  
DC "C4'" "O4'"  sing N N 49  
DC "C4'" "C3'"  sing N N 50  
DC "C4'" "H4'"  sing N N 51  
DC "O4'" "C1'"  sing N N 52  
DC "C3'" "O3'"  sing N N 53  
DC "C3'" "C2'"  sing N N 54  
DC "C3'" "H3'"  sing N N 55  
DC "O3'" "HO3'" sing N N 56  
DC "C2'" "C1'"  sing N N 57  
DC "C2'" "H2'"  sing N N 58  
DC "C2'" "H2''" sing N N 59  
DC "C1'" N1     sing N N 60  
DC "C1'" "H1'"  sing N N 61  
DC N1    C2     sing N N 62  
DC N1    C6     sing N N 63  
DC C2    O2     doub N N 64  
DC C2    N3     sing N N 65  
DC N3    C4     doub N N 66  
DC C4    N4     sing N N 67  
DC C4    C5     sing N N 68  
DC N4    H41    sing N N 69  
DC N4    H42    sing N N 70  
DC C5    C6     doub N N 71  
DC C5    H5     sing N N 72  
DC C6    H6     sing N N 73  
DG OP3   P      sing N N 74  
DG OP3   HOP3   sing N N 75  
DG P     OP1    doub N N 76  
DG P     OP2    sing N N 77  
DG P     "O5'"  sing N N 78  
DG OP2   HOP2   sing N N 79  
DG "O5'" "C5'"  sing N N 80  
DG "C5'" "C4'"  sing N N 81  
DG "C5'" "H5'"  sing N N 82  
DG "C5'" "H5''" sing N N 83  
DG "C4'" "O4'"  sing N N 84  
DG "C4'" "C3'"  sing N N 85  
DG "C4'" "H4'"  sing N N 86  
DG "O4'" "C1'"  sing N N 87  
DG "C3'" "O3'"  sing N N 88  
DG "C3'" "C2'"  sing N N 89  
DG "C3'" "H3'"  sing N N 90  
DG "O3'" "HO3'" sing N N 91  
DG "C2'" "C1'"  sing N N 92  
DG "C2'" "H2'"  sing N N 93  
DG "C2'" "H2''" sing N N 94  
DG "C1'" N9     sing N N 95  
DG "C1'" "H1'"  sing N N 96  
DG N9    C8     sing Y N 97  
DG N9    C4     sing Y N 98  
DG C8    N7     doub Y N 99  
DG C8    H8     sing N N 100 
DG N7    C5     sing Y N 101 
DG C5    C6     sing N N 102 
DG C5    C4     doub Y N 103 
DG C6    O6     doub N N 104 
DG C6    N1     sing N N 105 
DG N1    C2     sing N N 106 
DG N1    H1     sing N N 107 
DG C2    N2     sing N N 108 
DG C2    N3     doub N N 109 
DG N2    H21    sing N N 110 
DG N2    H22    sing N N 111 
DG N3    C4     sing N N 112 
DT OP3   P      sing N N 113 
DT OP3   HOP3   sing N N 114 
DT P     OP1    doub N N 115 
DT P     OP2    sing N N 116 
DT P     "O5'"  sing N N 117 
DT OP2   HOP2   sing N N 118 
DT "O5'" "C5'"  sing N N 119 
DT "C5'" "C4'"  sing N N 120 
DT "C5'" "H5'"  sing N N 121 
DT "C5'" "H5''" sing N N 122 
DT "C4'" "O4'"  sing N N 123 
DT "C4'" "C3'"  sing N N 124 
DT "C4'" "H4'"  sing N N 125 
DT "O4'" "C1'"  sing N N 126 
DT "C3'" "O3'"  sing N N 127 
DT "C3'" "C2'"  sing N N 128 
DT "C3'" "H3'"  sing N N 129 
DT "O3'" "HO3'" sing N N 130 
DT "C2'" "C1'"  sing N N 131 
DT "C2'" "H2'"  sing N N 132 
DT "C2'" "H2''" sing N N 133 
DT "C1'" N1     sing N N 134 
DT "C1'" "H1'"  sing N N 135 
DT N1    C2     sing N N 136 
DT N1    C6     sing N N 137 
DT C2    O2     doub N N 138 
DT C2    N3     sing N N 139 
DT N3    C4     sing N N 140 
DT N3    H3     sing N N 141 
DT C4    O4     doub N N 142 
DT C4    C5     sing N N 143 
DT C5    C7     sing N N 144 
DT C5    C6     doub N N 145 
DT C7    H71    sing N N 146 
DT C7    H72    sing N N 147 
DT C7    H73    sing N N 148 
DT C6    H6     sing N N 149 
# 
loop_
_ndb_struct_conf_na.entry_id 
_ndb_struct_conf_na.feature 
6ROS 'double helix'         
6ROS 'a-form double helix'  
6ROS 'mismatched base pair' 
# 
loop_
_ndb_struct_na_base_pair.model_number 
_ndb_struct_na_base_pair.i_label_asym_id 
_ndb_struct_na_base_pair.i_label_comp_id 
_ndb_struct_na_base_pair.i_label_seq_id 
_ndb_struct_na_base_pair.i_symmetry 
_ndb_struct_na_base_pair.j_label_asym_id 
_ndb_struct_na_base_pair.j_label_comp_id 
_ndb_struct_na_base_pair.j_label_seq_id 
_ndb_struct_na_base_pair.j_symmetry 
_ndb_struct_na_base_pair.shear 
_ndb_struct_na_base_pair.stretch 
_ndb_struct_na_base_pair.stagger 
_ndb_struct_na_base_pair.buckle 
_ndb_struct_na_base_pair.propeller 
_ndb_struct_na_base_pair.opening 
_ndb_struct_na_base_pair.pair_number 
_ndb_struct_na_base_pair.pair_name 
_ndb_struct_na_base_pair.i_auth_asym_id 
_ndb_struct_na_base_pair.i_auth_seq_id 
_ndb_struct_na_base_pair.i_PDB_ins_code 
_ndb_struct_na_base_pair.j_auth_asym_id 
_ndb_struct_na_base_pair.j_auth_seq_id 
_ndb_struct_na_base_pair.j_PDB_ins_code 
_ndb_struct_na_base_pair.hbond_type_28 
_ndb_struct_na_base_pair.hbond_type_12 
1 A DG 1  1_555 A DC 18 7_465 -0.109 -0.170 0.314  -3.693  -6.110  -7.177 1  A_DG1:DC18_A A 1  ? A 18 ? 19 1 
1 A DG 2  1_555 A DC 17 7_465 -0.395 -0.256 0.215  1.995   -11.879 -3.270 2  A_DG2:DC17_A A 2  ? A 17 ? 19 1 
1 A DT 3  1_555 A DA 16 7_465 0.409  -0.338 0.727  -3.254  -11.704 5.592  3  A_DT3:DA16_A A 3  ? A 16 ? 20 1 
1 A DG 4  1_555 A DC 15 7_465 -0.182 -0.198 0.983  11.935  -14.055 8.441  4  A_DG4:DC15_A A 4  ? A 15 ? 19 1 
1 A DG 5  1_555 A DC 14 7_465 0.225  -0.293 0.518  3.728   -8.317  -0.519 5  A_DG5:DC14_A A 5  ? A 14 ? 19 1 
1 A DG 6  1_555 A DC 13 7_465 -0.402 -0.056 -0.083 -14.998 -3.840  1.340  6  A_DG6:DC13_A A 6  ? A 13 ? 19 1 
1 A DG 7  1_555 A DC 12 7_465 0.401  0.346  -1.214 -35.280 -15.119 -1.402 7  A_DG7:DC12_A A 7  ? A 12 ? 19 1 
1 A DC 8  1_555 A DG 11 7_465 0.230  -0.037 0.173  -3.262  -27.426 10.121 8  A_DC8:DG11_A A 8  ? A 11 ? 19 1 
1 A DT 9  1_555 A DT 10 7_465 2.589  -1.939 0.861  3.388   -22.225 26.347 9  A_DT9:DT10_A A 9  ? A 10 ? 16 1 
1 A DT 10 1_555 A DT 9  7_465 -2.589 -1.939 0.861  -3.388  -22.225 26.347 10 A_DT10:DT9_A A 10 ? A 9  ? 16 1 
1 A DG 11 1_555 A DC 8  7_465 -0.230 -0.037 0.173  3.262   -27.426 10.121 11 A_DG11:DC8_A A 11 ? A 8  ? 19 1 
1 A DC 12 1_555 A DG 7  7_465 -0.401 0.346  -1.214 35.280  -15.119 -1.402 12 A_DC12:DG7_A A 12 ? A 7  ? 19 1 
1 A DC 13 1_555 A DG 6  7_465 0.402  -0.056 -0.083 14.998  -3.840  1.340  13 A_DC13:DG6_A A 13 ? A 6  ? 19 1 
1 A DC 14 1_555 A DG 5  7_465 -0.225 -0.293 0.518  -3.728  -8.317  -0.519 14 A_DC14:DG5_A A 14 ? A 5  ? 19 1 
1 A DC 15 1_555 A DG 4  7_465 0.182  -0.198 0.983  -11.935 -14.055 8.441  15 A_DC15:DG4_A A 15 ? A 4  ? 19 1 
1 A DA 16 1_555 A DT 3  7_465 -0.409 -0.338 0.727  3.254   -11.704 5.592  16 A_DA16:DT3_A A 16 ? A 3  ? 20 1 
1 A DC 17 1_555 A DG 2  7_465 0.395  -0.256 0.215  -1.995  -11.879 -3.270 17 A_DC17:DG2_A A 17 ? A 2  ? 19 1 
1 A DC 18 1_555 A DG 1  7_465 0.109  -0.170 0.314  3.693   -6.110  -7.177 18 A_DC18:DG1_A A 18 ? A 1  ? 19 1 
# 
loop_
_ndb_struct_na_base_pair_step.model_number 
_ndb_struct_na_base_pair_step.i_label_asym_id_1 
_ndb_struct_na_base_pair_step.i_label_comp_id_1 
_ndb_struct_na_base_pair_step.i_label_seq_id_1 
_ndb_struct_na_base_pair_step.i_symmetry_1 
_ndb_struct_na_base_pair_step.j_label_asym_id_1 
_ndb_struct_na_base_pair_step.j_label_comp_id_1 
_ndb_struct_na_base_pair_step.j_label_seq_id_1 
_ndb_struct_na_base_pair_step.j_symmetry_1 
_ndb_struct_na_base_pair_step.i_label_asym_id_2 
_ndb_struct_na_base_pair_step.i_label_comp_id_2 
_ndb_struct_na_base_pair_step.i_label_seq_id_2 
_ndb_struct_na_base_pair_step.i_symmetry_2 
_ndb_struct_na_base_pair_step.j_label_asym_id_2 
_ndb_struct_na_base_pair_step.j_label_comp_id_2 
_ndb_struct_na_base_pair_step.j_label_seq_id_2 
_ndb_struct_na_base_pair_step.j_symmetry_2 
_ndb_struct_na_base_pair_step.shift 
_ndb_struct_na_base_pair_step.slide 
_ndb_struct_na_base_pair_step.rise 
_ndb_struct_na_base_pair_step.tilt 
_ndb_struct_na_base_pair_step.roll 
_ndb_struct_na_base_pair_step.twist 
_ndb_struct_na_base_pair_step.x_displacement 
_ndb_struct_na_base_pair_step.y_displacement 
_ndb_struct_na_base_pair_step.helical_rise 
_ndb_struct_na_base_pair_step.inclination 
_ndb_struct_na_base_pair_step.tip 
_ndb_struct_na_base_pair_step.helical_twist 
_ndb_struct_na_base_pair_step.step_number 
_ndb_struct_na_base_pair_step.step_name 
_ndb_struct_na_base_pair_step.i_auth_asym_id_1 
_ndb_struct_na_base_pair_step.i_auth_seq_id_1 
_ndb_struct_na_base_pair_step.i_PDB_ins_code_1 
_ndb_struct_na_base_pair_step.j_auth_asym_id_1 
_ndb_struct_na_base_pair_step.j_auth_seq_id_1 
_ndb_struct_na_base_pair_step.j_PDB_ins_code_1 
_ndb_struct_na_base_pair_step.i_auth_asym_id_2 
_ndb_struct_na_base_pair_step.i_auth_seq_id_2 
_ndb_struct_na_base_pair_step.i_PDB_ins_code_2 
_ndb_struct_na_base_pair_step.j_auth_asym_id_2 
_ndb_struct_na_base_pair_step.j_auth_seq_id_2 
_ndb_struct_na_base_pair_step.j_PDB_ins_code_2 
1 A DG 1  1_555 A DC 18 7_465 A DG 2  1_555 A DC 17 7_465 0.504  -1.616 3.130 2.000   5.802  30.041 -4.105 -0.593 2.803 11.049 
-3.809  30.648 1  AA_DG1DG2:DC17DC18_AA A 1  ? A 18 ? A 2  ? A 17 ? 
1 A DG 2  1_555 A DC 17 7_465 A DT 3  1_555 A DA 16 7_465 0.794  -1.389 3.570 -1.033  -2.619 40.273 -1.688 -1.278 3.629 -3.798 
1.497   40.367 2  AA_DG2DT3:DA16DC17_AA A 2  ? A 17 ? A 3  ? A 16 ? 
1 A DT 3  1_555 A DA 16 7_465 A DG 4  1_555 A DC 15 7_465 0.088  -1.700 2.507 1.656   9.119  22.501 -5.956 0.139  1.699 22.197 
-4.032  24.312 3  AA_DT3DG4:DC15DA16_AA A 3  ? A 16 ? A 4  ? A 15 ? 
1 A DG 4  1_555 A DC 15 7_465 A DG 5  1_555 A DC 14 7_465 -0.900 -1.448 3.181 -0.979  7.192  34.273 -3.416 1.359  2.852 12.038 
1.639   35.010 4  AA_DG4DG5:DC14DC15_AA A 4  ? A 15 ? A 5  ? A 14 ? 
1 A DG 5  1_555 A DC 14 7_465 A DG 6  1_555 A DC 13 7_465 0.523  -2.056 3.535 4.935   5.798  31.104 -4.816 -0.023 3.154 10.615 
-9.034  32.000 5  AA_DG5DG6:DC13DC14_AA A 5  ? A 14 ? A 6  ? A 13 ? 
1 A DG 6  1_555 A DC 13 7_465 A DG 7  1_555 A DC 12 7_465 0.345  -1.842 3.752 15.241  9.753  38.017 -3.697 1.276  3.122 14.042 
-21.944 41.959 6  AA_DG6DG7:DC12DC13_AA A 6  ? A 13 ? A 7  ? A 12 ? 
1 A DG 7  1_555 A DC 12 7_465 A DC 8  1_555 A DG 11 7_465 -0.311 -0.604 2.429 -8.689  6.557  21.098 -3.067 -1.359 2.112 16.561 
21.946  23.712 7  AA_DG7DC8:DG11DC12_AA A 7  ? A 12 ? A 8  ? A 11 ? 
1 A DC 8  1_555 A DG 11 7_465 A DT 9  1_555 A DT 10 7_465 1.185  0.106  3.098 -3.052  13.580 40.772 -1.123 -1.903 2.897 18.842 
4.235   42.986 8  AA_DC8DT9:DT10DG11_AA A 8  ? A 11 ? A 9  ? A 10 ? 
1 A DT 9  1_555 A DT 10 7_465 A DT 10 1_555 A DT 9  7_465 0.000  -0.915 3.380 0.000   15.618 13.722 -8.705 0.000  1.556 48.940 
0.000   20.762 9  AA_DT9DT10:DT9DT10_AA A 9  ? A 10 ? A 10 ? A 9  ? 
1 A DT 10 1_555 A DT 9  7_465 A DG 11 1_555 A DC 8  7_465 -1.185 0.106  3.098 3.052   13.580 40.772 -1.123 1.903  2.897 18.842 
-4.235  42.986 10 AA_DT10DG11:DC8DT9_AA A 10 ? A 9  ? A 11 ? A 8  ? 
1 A DG 11 1_555 A DC 8  7_465 A DC 12 1_555 A DG 7  7_465 0.311  -0.604 2.429 8.689   6.557  21.098 -3.067 1.359  2.112 16.561 
-21.946 23.712 11 AA_DG11DC12:DG7DC8_AA A 11 ? A 8  ? A 12 ? A 7  ? 
1 A DC 12 1_555 A DG 7  7_465 A DC 13 1_555 A DG 6  7_465 -0.345 -1.842 3.752 -15.241 9.753  38.017 -3.697 -1.276 3.122 14.042 
21.944  41.959 12 AA_DC12DC13:DG6DG7_AA A 12 ? A 7  ? A 13 ? A 6  ? 
1 A DC 13 1_555 A DG 6  7_465 A DC 14 1_555 A DG 5  7_465 -0.523 -2.056 3.535 -4.935  5.798  31.104 -4.816 0.023  3.154 10.615 
9.034   32.000 13 AA_DC13DC14:DG5DG6_AA A 13 ? A 6  ? A 14 ? A 5  ? 
1 A DC 14 1_555 A DG 5  7_465 A DC 15 1_555 A DG 4  7_465 0.900  -1.448 3.181 0.979   7.192  34.273 -3.416 -1.359 2.852 12.038 
-1.639  35.010 14 AA_DC14DC15:DG4DG5_AA A 14 ? A 5  ? A 15 ? A 4  ? 
1 A DC 15 1_555 A DG 4  7_465 A DA 16 1_555 A DT 3  7_465 -0.088 -1.700 2.507 -1.656  9.119  22.501 -5.956 -0.139 1.699 22.197 
4.032   24.312 15 AA_DC15DA16:DT3DG4_AA A 15 ? A 4  ? A 16 ? A 3  ? 
1 A DA 16 1_555 A DT 3  7_465 A DC 17 1_555 A DG 2  7_465 -0.794 -1.389 3.570 1.033   -2.619 40.273 -1.688 1.278  3.629 -3.798 
-1.497  40.367 16 AA_DA16DC17:DG2DT3_AA A 16 ? A 3  ? A 17 ? A 2  ? 
1 A DC 17 1_555 A DG 2  7_465 A DC 18 1_555 A DG 1  7_465 -0.504 -1.616 3.130 -2.000  5.802  30.041 -4.105 0.593  2.803 11.049 
3.809   30.648 17 AA_DC17DC18:DG1DG2_AA A 17 ? A 2  ? A 18 ? A 1  ? 
# 
loop_
_pdbx_audit_support.funding_organization 
_pdbx_audit_support.country 
_pdbx_audit_support.grant_number 
_pdbx_audit_support.ordinal 
'Ministry of Education (Czech Republic)' 'Czech Republic' 'CZ.02.1.01/0.0/0.0/16_013/0001776)' 1 
'Ministry of Education (Czech Republic)' 'Czech Republic' CZ.02.1.01/0.0/0.0/16_019/0000778    2 
# 
_pdbx_initial_refinement_model.accession_code   6ROR 
_pdbx_initial_refinement_model.id               1 
_pdbx_initial_refinement_model.entity_id_list   ? 
_pdbx_initial_refinement_model.type             'experimental model' 
_pdbx_initial_refinement_model.source_name      PDB 
_pdbx_initial_refinement_model.details          'Deposition ID D_1200013700' 
# 
_pdbx_related_exp_data_set.ordinal              1 
_pdbx_related_exp_data_set.data_reference       10.5281/zenodo.2616594 
_pdbx_related_exp_data_set.metadata_reference   ? 
_pdbx_related_exp_data_set.data_set_type        'diffraction image data' 
_pdbx_related_exp_data_set.details              ? 
# 
_atom_sites.entry_id                    6ROS 
_atom_sites.fract_transf_matrix[1][1]   -0.00231929 
_atom_sites.fract_transf_matrix[1][2]   -0.00088871 
_atom_sites.fract_transf_matrix[1][3]   -0.02589616 
_atom_sites.fract_transf_matrix[2][1]   -0.01396669 
_atom_sites.fract_transf_matrix[2][2]   -0.02185653 
_atom_sites.fract_transf_matrix[2][3]   0.00200095 
_atom_sites.fract_transf_matrix[3][1]   -0.00936510 
_atom_sites.fract_transf_matrix[3][2]   0.00604226 
_atom_sites.fract_transf_matrix[3][3]   0.00063139 
_atom_sites.fract_transf_vector[1]      -0.559266 
_atom_sites.fract_transf_vector[2]      0.445124 
_atom_sites.fract_transf_vector[3]      0.018505 
# 
loop_
_atom_type.symbol 
C  
N  
O  
P  
SR 
# 
loop_
_atom_site.group_PDB 
_atom_site.id 
_atom_site.type_symbol 
_atom_site.label_atom_id 
_atom_site.label_alt_id 
_atom_site.label_comp_id 
_atom_site.label_asym_id 
_atom_site.label_entity_id 
_atom_site.label_seq_id 
_atom_site.pdbx_PDB_ins_code 
_atom_site.Cartn_x 
_atom_site.Cartn_y 
_atom_site.Cartn_z 
_atom_site.occupancy 
_atom_site.B_iso_or_equiv 
_atom_site.pdbx_formal_charge 
_atom_site.auth_seq_id 
_atom_site.auth_comp_id 
_atom_site.auth_asym_id 
_atom_site.auth_atom_id 
_atom_site.pdbx_PDB_model_num 
ATOM   1   O  "O5'" . DG A 1 1  ? 21.866  8.507   -9.896  1.00 92.10  ? 1   DG A "O5'" 1 
ATOM   2   C  "C5'" . DG A 1 1  ? 20.485  8.528   -10.190 1.00 86.11  ? 1   DG A "C5'" 1 
ATOM   3   C  "C4'" . DG A 1 1  ? 20.196  9.320   -11.456 1.00 84.45  ? 1   DG A "C4'" 1 
ATOM   4   O  "O4'" . DG A 1 1  ? 21.143  8.976   -12.509 1.00 83.67  ? 1   DG A "O4'" 1 
ATOM   5   C  "C3'" . DG A 1 1  ? 18.828  9.051   -12.052 1.00 87.48  ? 1   DG A "C3'" 1 
ATOM   6   O  "O3'" . DG A 1 1  ? 17.886  9.946   -11.501 1.00 91.83  ? 1   DG A "O3'" 1 
ATOM   7   C  "C2'" . DG A 1 1  ? 19.071  9.300   -13.534 1.00 87.23  ? 1   DG A "C2'" 1 
ATOM   8   C  "C1'" . DG A 1 1  ? 20.434  8.655   -13.697 1.00 87.35  ? 1   DG A "C1'" 1 
ATOM   9   N  N9    . DG A 1 1  ? 20.379  7.192   -13.807 1.00 88.35  ? 1   DG A N9    1 
ATOM   10  C  C8    . DG A 1 1  ? 20.928  6.289   -12.927 1.00 89.45  ? 1   DG A C8    1 
ATOM   11  N  N7    . DG A 1 1  ? 20.734  5.041   -13.260 1.00 91.92  ? 1   DG A N7    1 
ATOM   12  C  C5    . DG A 1 1  ? 20.005  5.110   -14.439 1.00 89.72  ? 1   DG A C5    1 
ATOM   13  C  C6    . DG A 1 1  ? 19.511  4.066   -15.258 1.00 91.85  ? 1   DG A C6    1 
ATOM   14  O  O6    . DG A 1 1  ? 19.630  2.838   -15.086 1.00 93.23  ? 1   DG A O6    1 
ATOM   15  N  N1    . DG A 1 1  ? 18.817  4.563   -16.370 1.00 90.56  ? 1   DG A N1    1 
ATOM   16  C  C2    . DG A 1 1  ? 18.634  5.901   -16.653 1.00 87.24  ? 1   DG A C2    1 
ATOM   17  N  N2    . DG A 1 1  ? 17.945  6.183   -17.776 1.00 82.57  ? 1   DG A N2    1 
ATOM   18  N  N3    . DG A 1 1  ? 19.099  6.893   -15.890 1.00 87.20  ? 1   DG A N3    1 
ATOM   19  C  C4    . DG A 1 1  ? 19.772  6.426   -14.800 1.00 88.28  ? 1   DG A C4    1 
ATOM   20  P  P     . DG A 1 2  ? 16.764  9.401   -10.491 1.00 88.49  ? 2   DG A P     1 
ATOM   21  O  OP1   . DG A 1 2  ? 16.228  10.551  -9.728  1.00 89.40  ? 2   DG A OP1   1 
ATOM   22  O  OP2   . DG A 1 2  ? 17.371  8.281   -9.725  1.00 87.72  ? 2   DG A OP2   1 
ATOM   23  O  "O5'" . DG A 1 2  ? 15.616  8.884   -11.490 1.00 86.04  ? 2   DG A "O5'" 1 
ATOM   24  C  "C5'" . DG A 1 2  ? 14.851  9.836   -12.242 1.00 87.04  ? 2   DG A "C5'" 1 
ATOM   25  C  "C4'" . DG A 1 2  ? 14.600  9.370   -13.674 1.00 90.21  ? 2   DG A "C4'" 1 
ATOM   26  O  "O4'" . DG A 1 2  ? 15.753  8.654   -14.168 1.00 94.49  ? 2   DG A "O4'" 1 
ATOM   27  C  "C3'" . DG A 1 2  ? 13.453  8.389   -13.852 1.00 94.36  ? 2   DG A "C3'" 1 
ATOM   28  O  "O3'" . DG A 1 2  ? 12.211  9.067   -13.916 1.00 92.97  ? 2   DG A "O3'" 1 
ATOM   29  C  "C2'" . DG A 1 2  ? 13.810  7.734   -15.180 1.00 94.28  ? 2   DG A "C2'" 1 
ATOM   30  C  "C1'" . DG A 1 2  ? 15.325  7.602   -15.037 1.00 94.33  ? 2   DG A "C1'" 1 
ATOM   31  N  N9    . DG A 1 2  ? 15.793  6.301   -14.499 1.00 90.70  ? 2   DG A N9    1 
ATOM   32  C  C8    . DG A 1 2  ? 16.490  6.089   -13.333 1.00 87.99  ? 2   DG A C8    1 
ATOM   33  N  N7    . DG A 1 2  ? 16.794  4.839   -13.129 1.00 89.62  ? 2   DG A N7    1 
ATOM   34  C  C5    . DG A 1 2  ? 16.275  4.175   -14.230 1.00 89.90  ? 2   DG A C5    1 
ATOM   35  C  C6    . DG A 1 2  ? 16.301  2.799   -14.558 1.00 91.04  ? 2   DG A C6    1 
ATOM   36  O  O6    . DG A 1 2  ? 16.808  1.865   -13.915 1.00 90.25  ? 2   DG A O6    1 
ATOM   37  N  N1    . DG A 1 2  ? 15.660  2.547   -15.771 1.00 91.36  ? 2   DG A N1    1 
ATOM   38  C  C2    . DG A 1 2  ? 15.065  3.504   -16.562 1.00 91.80  ? 2   DG A C2    1 
ATOM   39  N  N2    . DG A 1 2  ? 14.486  3.074   -17.702 1.00 92.76  ? 2   DG A N2    1 
ATOM   40  N  N3    . DG A 1 2  ? 15.038  4.796   -16.261 1.00 92.56  ? 2   DG A N3    1 
ATOM   41  C  C4    . DG A 1 2  ? 15.659  5.057   -15.087 1.00 89.01  ? 2   DG A C4    1 
ATOM   42  P  P     . DT A 1 3  ? 10.954  8.476   -13.116 1.00 88.59  ? 3   DT A P     1 
ATOM   43  O  OP1   . DT A 1 3  ? 9.853   9.457   -13.251 1.00 90.02  ? 3   DT A OP1   1 
ATOM   44  O  OP2   . DT A 1 3  ? 11.435  8.039   -11.771 1.00 82.51  ? 3   DT A OP2   1 
ATOM   45  O  "O5'" . DT A 1 3  ? 10.566  7.167   -13.956 1.00 93.91  ? 3   DT A "O5'" 1 
ATOM   46  C  "C5'" . DT A 1 3  ? 10.167  7.282   -15.322 1.00 90.87  ? 3   DT A "C5'" 1 
ATOM   47  C  "C4'" . DT A 1 3  ? 10.108  5.916   -15.998 1.00 93.11  ? 3   DT A "C4'" 1 
ATOM   48  O  "O4'" . DT A 1 3  ? 11.422  5.310   -16.010 1.00 95.14  ? 3   DT A "O4'" 1 
ATOM   49  C  "C3'" . DT A 1 3  ? 9.251   4.877   -15.306 1.00 92.51  ? 3   DT A "C3'" 1 
ATOM   50  O  "O3'" . DT A 1 3  ? 7.906   5.072   -15.612 1.00 90.58  ? 3   DT A "O3'" 1 
ATOM   51  C  "C2'" . DT A 1 3  ? 9.792   3.597   -15.919 1.00 91.95  ? 3   DT A "C2'" 1 
ATOM   52  C  "C1'" . DT A 1 3  ? 11.290  3.898   -15.914 1.00 93.04  ? 3   DT A "C1'" 1 
ATOM   53  N  N1    . DT A 1 3  ? 11.974  3.449   -14.680 1.00 90.05  ? 3   DT A N1    1 
ATOM   54  C  C2    . DT A 1 3  ? 12.255  2.123   -14.531 1.00 92.57  ? 3   DT A C2    1 
ATOM   55  O  O2    . DT A 1 3  ? 11.964  1.287   -15.372 1.00 93.79  ? 3   DT A O2    1 
ATOM   56  N  N3    . DT A 1 3  ? 12.894  1.800   -13.357 1.00 93.23  ? 3   DT A N3    1 
ATOM   57  C  C4    . DT A 1 3  ? 13.265  2.668   -12.343 1.00 91.54  ? 3   DT A C4    1 
ATOM   58  O  O4    . DT A 1 3  ? 13.835  2.284   -11.318 1.00 92.58  ? 3   DT A O4    1 
ATOM   59  C  C5    . DT A 1 3  ? 12.931  4.053   -12.574 1.00 88.65  ? 3   DT A C5    1 
ATOM   60  C  C7    . DT A 1 3  ? 13.271  5.091   -11.554 1.00 90.94  ? 3   DT A C7    1 
ATOM   61  C  C6    . DT A 1 3  ? 12.312  4.371   -13.714 1.00 88.39  ? 3   DT A C6    1 
ATOM   62  P  P     . DG A 1 4  ? 6.825   4.920   -14.442 1.00 91.85  ? 4   DG A P     1 
ATOM   63  O  OP1   . DG A 1 4  ? 5.636   5.677   -14.891 1.00 88.26  ? 4   DG A OP1   1 
ATOM   64  O  OP2   . DG A 1 4  ? 7.461   5.204   -13.138 1.00 85.04  ? 4   DG A OP2   1 
ATOM   65  O  "O5'" . DG A 1 4  ? 6.546   3.357   -14.412 1.00 93.71  ? 4   DG A "O5'" 1 
ATOM   66  C  "C5'" . DG A 1 4  ? 6.269   2.673   -15.609 1.00 91.92  ? 4   DG A "C5'" 1 
ATOM   67  C  "C4'" . DG A 1 4  ? 6.585   1.218   -15.438 1.00 89.47  ? 4   DG A "C4'" 1 
ATOM   68  O  "O4'" . DG A 1 4  ? 7.978   1.106   -15.122 1.00 90.94  ? 4   DG A "O4'" 1 
ATOM   69  C  "C3'" . DG A 1 4  ? 5.891   0.546   -14.260 1.00 91.02  ? 4   DG A "C3'" 1 
ATOM   70  O  "O3'" . DG A 1 4  ? 4.564   0.113   -14.631 1.00 92.56  ? 4   DG A "O3'" 1 
ATOM   71  C  "C2'" . DG A 1 4  ? 6.809   -0.637  -14.012 1.00 94.58  ? 4   DG A "C2'" 1 
ATOM   72  C  "C1'" . DG A 1 4  ? 8.183   -0.088  -14.413 1.00 93.94  ? 4   DG A "C1'" 1 
ATOM   73  N  N9    . DG A 1 4  ? 9.054   0.167   -13.282 1.00 91.81  ? 4   DG A N9    1 
ATOM   74  C  C8    . DG A 1 4  ? 9.234   1.344   -12.594 1.00 90.68  ? 4   DG A C8    1 
ATOM   75  N  N7    . DG A 1 4  ? 10.094  1.236   -11.611 1.00 90.56  ? 4   DG A N7    1 
ATOM   76  C  C5    . DG A 1 4  ? 10.493  -0.094  -11.661 1.00 90.89  ? 4   DG A C5    1 
ATOM   77  C  C6    . DG A 1 4  ? 11.406  -0.808  -10.858 1.00 93.82  ? 4   DG A C6    1 
ATOM   78  O  O6    . DG A 1 4  ? 12.077  -0.394  -9.897  1.00 98.11  ? 4   DG A O6    1 
ATOM   79  N  N1    . DG A 1 4  ? 11.504  -2.142  -11.261 1.00 92.96  ? 4   DG A N1    1 
ATOM   80  C  C2    . DG A 1 4  ? 10.803  -2.706  -12.308 1.00 89.87  ? 4   DG A C2    1 
ATOM   81  N  N2    . DG A 1 4  ? 11.021  -4.002  -12.553 1.00 92.51  ? 4   DG A N2    1 
ATOM   82  N  N3    . DG A 1 4  ? 9.958   -2.047  -13.061 1.00 86.52  ? 4   DG A N3    1 
ATOM   83  C  C4    . DG A 1 4  ? 9.854   -0.756  -12.686 1.00 90.92  ? 4   DG A C4    1 
ATOM   84  P  P     . DG A 1 5  ? 3.474   -0.337  -13.524 1.00 92.23  ? 5   DG A P     1 
ATOM   85  O  OP1   . DG A 1 5  ? 2.301   -0.750  -14.310 1.00 92.78  ? 5   DG A OP1   1 
ATOM   86  O  OP2   . DG A 1 5  ? 3.309   0.627   -12.406 1.00 92.97  ? 5   DG A OP2   1 
ATOM   87  O  "O5'" . DG A 1 5  ? 4.060   -1.676  -12.921 1.00 92.58  ? 5   DG A "O5'" 1 
ATOM   88  C  "C5'" . DG A 1 5  ? 3.605   -2.894  -13.432 1.00 94.40  ? 5   DG A "C5'" 1 
ATOM   89  C  "C4'" . DG A 1 5  ? 4.400   -4.043  -12.865 1.00 93.58  ? 5   DG A "C4'" 1 
ATOM   90  O  "O4'" . DG A 1 5  ? 5.818   -3.770  -13.005 1.00 84.61  ? 5   DG A "O4'" 1 
ATOM   91  C  "C3'" . DG A 1 5  ? 4.223   -4.292  -11.374 1.00 94.20  ? 5   DG A "C3'" 1 
ATOM   92  O  "O3'" . DG A 1 5  ? 2.983   -4.998  -11.102 1.00 92.35  ? 5   DG A "O3'" 1 
ATOM   93  C  "C2'" . DG A 1 5  ? 5.442   -5.160  -11.113 1.00 93.82  ? 5   DG A "C2'" 1 
ATOM   94  C  "C1'" . DG A 1 5  ? 6.504   -4.451  -11.967 1.00 90.71  ? 5   DG A "C1'" 1 
ATOM   95  N  N9    . DG A 1 5  ? 7.282   -3.510  -11.181 1.00 89.17  ? 5   DG A N9    1 
ATOM   96  C  C8    . DG A 1 5  ? 7.184   -2.145  -11.153 1.00 89.53  ? 5   DG A C8    1 
ATOM   97  N  N7    . DG A 1 5  ? 8.005   -1.589  -10.308 1.00 93.13  ? 5   DG A N7    1 
ATOM   98  C  C5    . DG A 1 5  ? 8.671   -2.662  -9.732  1.00 92.48  ? 5   DG A C5    1 
ATOM   99  C  C6    . DG A 1 5  ? 9.682   -2.695  -8.740  1.00 96.77  ? 5   DG A C6    1 
ATOM   100 O  O6    . DG A 1 5  ? 10.219  -1.740  -8.144  1.00 100.79 ? 5   DG A O6    1 
ATOM   101 N  N1    . DG A 1 5  ? 10.065  -4.003  -8.451  1.00 98.87  ? 5   DG A N1    1 
ATOM   102 C  C2    . DG A 1 5  ? 9.540   -5.130  -9.045  1.00 93.08  ? 5   DG A C2    1 
ATOM   103 N  N2    . DG A 1 5  ? 10.030  -6.307  -8.639  1.00 92.71  ? 5   DG A N2    1 
ATOM   104 N  N3    . DG A 1 5  ? 8.607   -5.104  -9.968  1.00 88.33  ? 5   DG A N3    1 
ATOM   105 C  C4    . DG A 1 5  ? 8.224   -3.847  -10.259 1.00 88.90  ? 5   DG A C4    1 
ATOM   106 P  P     . DG A 1 6  ? 2.250   -4.880  -9.669  1.00 93.70  ? 6   DG A P     1 
ATOM   107 O  OP1   . DG A 1 6  ? 0.988   -5.635  -9.774  1.00 98.40  ? 6   DG A OP1   1 
ATOM   108 O  OP2   . DG A 1 6  ? 2.181   -3.462  -9.259  1.00 98.65  ? 6   DG A OP2   1 
ATOM   109 O  "O5'" . DG A 1 6  ? 3.210   -5.670  -8.664  1.00 89.80  ? 6   DG A "O5'" 1 
ATOM   110 C  "C5'" . DG A 1 6  ? 3.374   -7.063  -8.817  1.00 91.81  ? 6   DG A "C5'" 1 
ATOM   111 C  "C4'" . DG A 1 6  ? 4.563   -7.574  -8.018  1.00 95.19  ? 6   DG A "C4'" 1 
ATOM   112 O  "O4'" . DG A 1 6  ? 5.763   -6.866  -8.395  1.00 93.33  ? 6   DG A "O4'" 1 
ATOM   113 C  "C3'" . DG A 1 6  ? 4.492   -7.356  -6.526  1.00 98.24  ? 6   DG A "C3'" 1 
ATOM   114 O  "O3'" . DG A 1 6  ? 3.632   -8.304  -5.920  1.00 101.71 ? 6   DG A "O3'" 1 
ATOM   115 C  "C2'" . DG A 1 6  ? 5.951   -7.571  -6.134  1.00 93.54  ? 6   DG A "C2'" 1 
ATOM   116 C  "C1'" . DG A 1 6  ? 6.671   -6.879  -7.295  1.00 92.52  ? 6   DG A "C1'" 1 
ATOM   117 N  N9    . DG A 1 6  ? 7.063   -5.504  -7.000  1.00 93.79  ? 6   DG A N9    1 
ATOM   118 C  C8    . DG A 1 6  ? 6.596   -4.361  -7.604  1.00 93.63  ? 6   DG A C8    1 
ATOM   119 N  N7    . DG A 1 6  ? 7.127   -3.271  -7.130  1.00 96.03  ? 6   DG A N7    1 
ATOM   120 C  C5    . DG A 1 6  ? 7.999   -3.717  -6.146  1.00 99.69  ? 6   DG A C5    1 
ATOM   121 C  C6    . DG A 1 6  ? 8.860   -2.987  -5.287  1.00 106.00 ? 6   DG A C6    1 
ATOM   122 O  O6    . DG A 1 6  ? 9.022   -1.757  -5.220  1.00 109.75 ? 6   DG A O6    1 
ATOM   123 N  N1    . DG A 1 6  ? 9.577   -3.830  -4.440  1.00 106.82 ? 6   DG A N1    1 
ATOM   124 C  C2    . DG A 1 6  ? 9.475   -5.201  -4.427  1.00 104.45 ? 6   DG A C2    1 
ATOM   125 N  N2    . DG A 1 6  ? 10.247  -5.843  -3.537  1.00 105.65 ? 6   DG A N2    1 
ATOM   126 N  N3    . DG A 1 6  ? 8.673   -5.895  -5.227  1.00 99.96  ? 6   DG A N3    1 
ATOM   127 C  C4    . DG A 1 6  ? 7.971   -5.090  -6.056  1.00 96.73  ? 6   DG A C4    1 
ATOM   128 P  P     . DG A 1 7  ? 3.008   -7.969  -4.482  1.00 106.39 ? 7   DG A P     1 
ATOM   129 O  OP1   . DG A 1 7  ? 2.211   -9.116  -3.973  1.00 100.44 ? 7   DG A OP1   1 
ATOM   130 O  OP2   . DG A 1 7  ? 2.339   -6.664  -4.685  1.00 109.10 ? 7   DG A OP2   1 
ATOM   131 O  "O5'" . DG A 1 7  ? 4.310   -7.735  -3.584  1.00 94.19  ? 7   DG A "O5'" 1 
ATOM   132 C  "C5'" . DG A 1 7  ? 4.253   -7.847  -2.209  1.00 94.83  ? 7   DG A "C5'" 1 
ATOM   133 C  "C4'" . DG A 1 7  ? 5.652   -7.970  -1.664  1.00 104.48 ? 7   DG A "C4'" 1 
ATOM   134 O  "O4'" . DG A 1 7  ? 6.589   -7.354  -2.589  1.00 104.58 ? 7   DG A "O4'" 1 
ATOM   135 C  "C3'" . DG A 1 7  ? 5.869   -7.262  -0.347  1.00 114.13 ? 7   DG A "C3'" 1 
ATOM   136 O  "O3'" . DG A 1 7  ? 5.503   -8.125  0.728   1.00 115.31 ? 7   DG A "O3'" 1 
ATOM   137 C  "C2'" . DG A 1 7  ? 7.370   -6.957  -0.389  1.00 108.24 ? 7   DG A "C2'" 1 
ATOM   138 C  "C1'" . DG A 1 7  ? 7.551   -6.586  -1.868  1.00 109.91 ? 7   DG A "C1'" 1 
ATOM   139 N  N9    . DG A 1 7  ? 7.340   -5.152  -2.189  1.00 111.76 ? 7   DG A N9    1 
ATOM   140 C  C8    . DG A 1 7  ? 6.366   -4.636  -3.015  1.00 108.86 ? 7   DG A C8    1 
ATOM   141 N  N7    . DG A 1 7  ? 6.406   -3.334  -3.135  1.00 108.76 ? 7   DG A N7    1 
ATOM   142 C  C5    . DG A 1 7  ? 7.475   -2.946  -2.345  1.00 110.93 ? 7   DG A C5    1 
ATOM   143 C  C6    . DG A 1 7  ? 7.994   -1.649  -2.095  1.00 114.59 ? 7   DG A C6    1 
ATOM   144 O  O6    . DG A 1 7  ? 7.594   -0.552  -2.534  1.00 109.64 ? 7   DG A O6    1 
ATOM   145 N  N1    . DG A 1 7  ? 9.092   -1.703  -1.240  1.00 120.04 ? 7   DG A N1    1 
ATOM   146 C  C2    . DG A 1 7  ? 9.621   -2.857  -0.692  1.00 116.26 ? 7   DG A C2    1 
ATOM   147 N  N2    . DG A 1 7  ? 10.680  -2.697  0.121   1.00 115.72 ? 7   DG A N2    1 
ATOM   148 N  N3    . DG A 1 7  ? 9.144   -4.078  -0.920  1.00 111.48 ? 7   DG A N3    1 
ATOM   149 C  C4    . DG A 1 7  ? 8.075   -4.052  -1.753  1.00 111.38 ? 7   DG A C4    1 
ATOM   150 P  P     . DC A 1 8  ? 4.291   -7.711  1.704   1.00 111.95 ? 8   DC A P     1 
ATOM   151 O  OP1   . DC A 1 8  ? 3.584   -8.935  2.132   1.00 118.75 ? 8   DC A OP1   1 
ATOM   152 O  OP2   . DC A 1 8  ? 3.465   -6.695  1.012   1.00 103.85 ? 8   DC A OP2   1 
ATOM   153 O  "O5'" . DC A 1 8  ? 5.074   -7.089  2.952   1.00 108.18 ? 8   DC A "O5'" 1 
ATOM   154 C  "C5'" . DC A 1 8  ? 6.175   -7.801  3.484   1.00 106.24 ? 8   DC A "C5'" 1 
ATOM   155 C  "C4'" . DC A 1 8  ? 7.343   -6.882  3.783   1.00 112.05 ? 8   DC A "C4'" 1 
ATOM   156 O  "O4'" . DC A 1 8  ? 7.750   -6.162  2.595   1.00 112.69 ? 8   DC A "O4'" 1 
ATOM   157 C  "C3'" . DC A 1 8  ? 7.052   -5.785  4.769   1.00 118.97 ? 8   DC A "C3'" 1 
ATOM   158 O  "O3'" . DC A 1 8  ? 7.050   -6.291  6.075   1.00 118.57 ? 8   DC A "O3'" 1 
ATOM   159 C  "C2'" . DC A 1 8  ? 8.226   -4.846  4.517   1.00 118.76 ? 8   DC A "C2'" 1 
ATOM   160 C  "C1'" . DC A 1 8  ? 8.335   -4.917  2.992   1.00 119.50 ? 8   DC A "C1'" 1 
ATOM   161 N  N1    . DC A 1 8  ? 7.631   -3.778  2.279   1.00 121.26 ? 8   DC A N1    1 
ATOM   162 C  C2    . DC A 1 8  ? 8.212   -2.504  2.259   1.00 122.73 ? 8   DC A C2    1 
ATOM   163 O  O2    . DC A 1 8  ? 9.304   -2.330  2.831   1.00 122.18 ? 8   DC A O2    1 
ATOM   164 N  N3    . DC A 1 8  ? 7.558   -1.492  1.604   1.00 120.40 ? 8   DC A N3    1 
ATOM   165 C  C4    . DC A 1 8  ? 6.389   -1.727  0.994   1.00 116.65 ? 8   DC A C4    1 
ATOM   166 N  N4    . DC A 1 8  ? 5.782   -0.712  0.359   1.00 116.62 ? 8   DC A N4    1 
ATOM   167 C  C5    . DC A 1 8  ? 5.793   -3.013  1.009   1.00 117.40 ? 8   DC A C5    1 
ATOM   168 C  C6    . DC A 1 8  ? 6.436   -3.997  1.661   1.00 118.78 ? 8   DC A C6    1 
ATOM   169 P  P     . DT A 1 9  ? 5.865   -5.856  7.060   1.00 119.91 ? 9   DT A P     1 
ATOM   170 O  OP1   . DT A 1 9  ? 6.113   -6.490  8.371   1.00 120.65 ? 9   DT A OP1   1 
ATOM   171 O  OP2   . DT A 1 9  ? 4.603   -6.177  6.356   1.00 118.32 ? 9   DT A OP2   1 
ATOM   172 O  "O5'" . DT A 1 9  ? 6.032   -4.253  7.152   1.00 122.10 ? 9   DT A "O5'" 1 
ATOM   173 C  "C5'" . DT A 1 9  ? 7.237   -3.675  7.716   1.00 120.04 ? 9   DT A "C5'" 1 
ATOM   174 C  "C4'" . DT A 1 9  ? 7.338   -2.171  7.453   1.00 120.86 ? 9   DT A "C4'" 1 
ATOM   175 O  "O4'" . DT A 1 9  ? 7.414   -1.923  6.030   1.00 125.45 ? 9   DT A "O4'" 1 
ATOM   176 C  "C3'" . DT A 1 9  ? 6.152   -1.337  7.905   1.00 125.43 ? 9   DT A "C3'" 1 
ATOM   177 O  "O3'" . DT A 1 9  ? 6.243   -1.025  9.285   1.00 122.43 ? 9   DT A "O3'" 1 
ATOM   178 C  "C2'" . DT A 1 9  ? 6.306   -0.085  7.057   1.00 128.12 ? 9   DT A "C2'" 1 
ATOM   179 C  "C1'" . DT A 1 9  ? 6.851   -0.641  5.746   1.00 127.72 ? 9   DT A "C1'" 1 
ATOM   180 N  N1    . DT A 1 9  ? 5.797   -0.761  4.655   1.00 129.79 ? 9   DT A N1    1 
ATOM   181 C  C2    . DT A 1 9  ? 5.569   0.310   3.812   1.00 133.42 ? 9   DT A C2    1 
ATOM   182 O  O2    . DT A 1 9  ? 6.180   1.354   3.889   1.00 137.73 ? 9   DT A O2    1 
ATOM   183 N  N3    . DT A 1 9  ? 4.598   0.111   2.863   1.00 131.36 ? 9   DT A N3    1 
ATOM   184 C  C4    . DT A 1 9  ? 3.842   -1.020  2.677   1.00 128.27 ? 9   DT A C4    1 
ATOM   185 O  O4    . DT A 1 9  ? 3.010   -1.112  1.792   1.00 119.84 ? 9   DT A O4    1 
ATOM   186 C  C5    . DT A 1 9  ? 4.119   -2.103  3.590   1.00 130.82 ? 9   DT A C5    1 
ATOM   187 C  C7    . DT A 1 9  ? 3.354   -3.385  3.479   1.00 129.85 ? 9   DT A C7    1 
ATOM   188 C  C6    . DT A 1 9  ? 5.071   -1.923  4.527   1.00 128.89 ? 9   DT A C6    1 
ATOM   189 P  P     . DT A 1 10 ? 4.929   -1.136  10.205  1.00 125.12 ? 10  DT A P     1 
ATOM   190 O  OP1   . DT A 1 10 ? 5.259   -1.931  11.398  1.00 127.06 ? 10  DT A OP1   1 
ATOM   191 O  OP2   . DT A 1 10 ? 3.804   -1.530  9.334   1.00 132.78 ? 10  DT A OP2   1 
ATOM   192 O  "O5'" . DT A 1 10 ? 4.620   0.349   10.665  1.00 125.75 ? 10  DT A "O5'" 1 
ATOM   193 C  "C5'" . DT A 1 10 ? 5.644   1.171   11.125  1.00 129.99 ? 10  DT A "C5'" 1 
ATOM   194 C  "C4'" . DT A 1 10 ? 5.405   2.567   10.622  1.00 138.84 ? 10  DT A "C4'" 1 
ATOM   195 O  "O4'" . DT A 1 10 ? 5.341   2.513   9.187   1.00 141.44 ? 10  DT A "O4'" 1 
ATOM   196 C  "C3'" . DT A 1 10 ? 4.077   3.164   11.062  1.00 142.58 ? 10  DT A "C3'" 1 
ATOM   197 O  "O3'" . DT A 1 10 ? 4.262   3.927   12.264  1.00 142.07 ? 10  DT A "O3'" 1 
ATOM   198 C  "C2'" . DT A 1 10 ? 3.666   4.061   9.882   1.00 144.19 ? 10  DT A "C2'" 1 
ATOM   199 C  "C1'" . DT A 1 10 ? 4.497   3.534   8.703   1.00 143.96 ? 10  DT A "C1'" 1 
ATOM   200 N  N1    . DT A 1 10 ? 3.686   2.986   7.555   1.00 142.24 ? 10  DT A N1    1 
ATOM   201 C  C2    . DT A 1 10 ? 3.301   3.834   6.546   1.00 141.74 ? 10  DT A C2    1 
ATOM   202 O  O2    . DT A 1 10 ? 3.564   5.026   6.542   1.00 141.65 ? 10  DT A O2    1 
ATOM   203 N  N3    . DT A 1 10 ? 2.582   3.235   5.537   1.00 142.21 ? 10  DT A N3    1 
ATOM   204 C  C4    . DT A 1 10 ? 2.223   1.899   5.437   1.00 140.60 ? 10  DT A C4    1 
ATOM   205 O  O4    . DT A 1 10 ? 1.572   1.456   4.487   1.00 159.81 ? 10  DT A O4    1 
ATOM   206 C  C5    . DT A 1 10 ? 2.667   1.063   6.527   1.00 136.54 ? 10  DT A C5    1 
ATOM   207 C  C7    . DT A 1 10 ? 2.339   -0.400  6.533   1.00 135.74 ? 10  DT A C7    1 
ATOM   208 C  C6    . DT A 1 10 ? 3.370   1.639   7.520   1.00 138.84 ? 10  DT A C6    1 
ATOM   209 P  P     . DG A 1 11 ? 3.097   4.042   13.370  1.00 145.07 ? 11  DG A P     1 
ATOM   210 O  OP1   . DG A 1 11 ? 3.326   5.344   14.033  1.00 141.28 ? 11  DG A OP1   1 
ATOM   211 O  OP2   . DG A 1 11 ? 3.050   2.780   14.148  1.00 140.08 ? 11  DG A OP2   1 
ATOM   212 O  "O5'" . DG A 1 11 ? 1.734   4.120   12.522  1.00 151.61 ? 11  DG A "O5'" 1 
ATOM   213 C  "C5'" . DG A 1 11 ? 0.631   4.913   12.974  1.00 143.04 ? 11  DG A "C5'" 1 
ATOM   214 C  "C4'" . DG A 1 11 ? 0.500   6.164   12.125  1.00 140.48 ? 11  DG A "C4'" 1 
ATOM   215 O  "O4'" . DG A 1 11 ? 1.200   5.972   10.879  1.00 142.81 ? 11  DG A "O4'" 1 
ATOM   216 C  "C3'" . DG A 1 11 ? -0.917  6.530   11.759  1.00 138.99 ? 11  DG A "C3'" 1 
ATOM   217 O  "O3'" . DG A 1 11 ? -1.358  7.512   12.632  1.00 138.41 ? 11  DG A "O3'" 1 
ATOM   218 C  "C2'" . DG A 1 11 ? -0.799  7.084   10.345  1.00 139.61 ? 11  DG A "C2'" 1 
ATOM   219 C  "C1'" . DG A 1 11 ? 0.377   6.322   9.791   1.00 140.58 ? 11  DG A "C1'" 1 
ATOM   220 N  N9    . DG A 1 11 ? 0.030   5.108   9.055   1.00 137.72 ? 11  DG A N9    1 
ATOM   221 C  C8    . DG A 1 11 ? -0.022  3.818   9.533   1.00 138.67 ? 11  DG A C8    1 
ATOM   222 N  N7    . DG A 1 11 ? -0.326  2.936   8.618   1.00 133.23 ? 11  DG A N7    1 
ATOM   223 C  C5    . DG A 1 11 ? -0.472  3.692   7.466   1.00 133.61 ? 11  DG A C5    1 
ATOM   224 C  C6    . DG A 1 11 ? -0.785  3.290   6.153   1.00 131.29 ? 11  DG A C6    1 
ATOM   225 O  O6    . DG A 1 11 ? -1.041  2.144   5.741   1.00 128.71 ? 11  DG A O6    1 
ATOM   226 N  N1    . DG A 1 11 ? -0.855  4.382   5.290   1.00 132.39 ? 11  DG A N1    1 
ATOM   227 C  C2    . DG A 1 11 ? -0.615  5.695   5.651   1.00 133.70 ? 11  DG A C2    1 
ATOM   228 N  N2    . DG A 1 11 ? -0.710  6.615   4.680   1.00 134.22 ? 11  DG A N2    1 
ATOM   229 N  N3    . DG A 1 11 ? -0.306  6.076   6.875   1.00 133.96 ? 11  DG A N3    1 
ATOM   230 C  C4    . DG A 1 11 ? -0.254  5.029   7.725   1.00 135.16 ? 11  DG A C4    1 
ATOM   231 P  P     . DC A 1 12 ? -2.692  7.264   13.472  1.00 140.90 ? 12  DC A P     1 
ATOM   232 O  OP1   . DC A 1 12 ? -2.502  7.897   14.791  1.00 140.08 ? 12  DC A OP1   1 
ATOM   233 O  OP2   . DC A 1 12 ? -3.021  5.823   13.399  1.00 141.93 ? 12  DC A OP2   1 
ATOM   234 O  "O5'" . DC A 1 12 ? -3.789  8.062   12.635  1.00 145.78 ? 12  DC A "O5'" 1 
ATOM   235 C  "C5'" . DC A 1 12 ? -3.420  8.761   11.442  1.00 142.85 ? 12  DC A "C5'" 1 
ATOM   236 C  "C4'" . DC A 1 12 ? -4.346  8.377   10.304  1.00 144.54 ? 12  DC A "C4'" 1 
ATOM   237 O  "O4'" . DC A 1 12 ? -3.729  7.374   9.433   1.00 139.30 ? 12  DC A "O4'" 1 
ATOM   238 C  "C3'" . DC A 1 12 ? -5.689  7.761   10.757  1.00 145.78 ? 12  DC A "C3'" 1 
ATOM   239 O  "O3'" . DC A 1 12 ? -6.778  8.378   10.063  1.00 144.82 ? 12  DC A "O3'" 1 
ATOM   240 C  "C2'" . DC A 1 12 ? -5.537  6.310   10.344  1.00 139.32 ? 12  DC A "C2'" 1 
ATOM   241 C  "C1'" . DC A 1 12 ? -4.766  6.501   9.064   1.00 138.87 ? 12  DC A "C1'" 1 
ATOM   242 N  N1    . DC A 1 12 ? -4.268  5.231   8.502   1.00 137.84 ? 12  DC A N1    1 
ATOM   243 C  C2    . DC A 1 12 ? -3.920  5.155   7.150   1.00 132.33 ? 12  DC A C2    1 
ATOM   244 O  O2    . DC A 1 12 ? -3.961  6.186   6.450   1.00 127.20 ? 12  DC A O2    1 
ATOM   245 N  N3    . DC A 1 12 ? -3.525  3.946   6.650   1.00 134.92 ? 12  DC A N3    1 
ATOM   246 C  C4    . DC A 1 12 ? -3.497  2.855   7.445   1.00 134.23 ? 12  DC A C4    1 
ATOM   247 N  N4    . DC A 1 12 ? -3.088  1.686   6.915   1.00 127.40 ? 12  DC A N4    1 
ATOM   248 C  C5    . DC A 1 12 ? -3.873  2.922   8.815   1.00 137.87 ? 12  DC A C5    1 
ATOM   249 C  C6    . DC A 1 12 ? -4.265  4.110   9.290   1.00 139.40 ? 12  DC A C6    1 
ATOM   250 P  P     . DC A 1 13 ? -8.301  7.909   10.309  1.00 138.06 ? 13  DC A P     1 
ATOM   251 O  OP1   . DC A 1 13 ? -9.022  9.124   10.735  1.00 147.07 ? 13  DC A OP1   1 
ATOM   252 O  OP2   . DC A 1 13 ? -8.385  6.707   11.169  1.00 136.95 ? 13  DC A OP2   1 
ATOM   253 O  "O5'" . DC A 1 13 ? -8.820  7.550   8.845   1.00 128.48 ? 13  DC A "O5'" 1 
ATOM   254 C  "C5'" . DC A 1 13 ? -9.258  8.596   8.002   1.00 130.20 ? 13  DC A "C5'" 1 
ATOM   255 C  "C4'" . DC A 1 13 ? -9.407  8.129   6.570   1.00 127.00 ? 13  DC A "C4'" 1 
ATOM   256 O  "O4'" . DC A 1 13 ? -8.187  7.481   6.140   1.00 123.43 ? 13  DC A "O4'" 1 
ATOM   257 C  "C3'" . DC A 1 13 ? -10.489 7.092   6.325   1.00 126.51 ? 13  DC A "C3'" 1 
ATOM   258 O  "O3'" . DC A 1 13 ? -11.794 7.723   6.229   1.00 126.88 ? 13  DC A "O3'" 1 
ATOM   259 C  "C2'" . DC A 1 13 ? -10.033 6.514   4.987   1.00 120.99 ? 13  DC A "C2'" 1 
ATOM   260 C  "C1'" . DC A 1 13 ? -8.501  6.532   5.128   1.00 123.14 ? 13  DC A "C1'" 1 
ATOM   261 N  N1    . DC A 1 13 ? -7.907  5.187   5.500   1.00 124.45 ? 13  DC A N1    1 
ATOM   262 C  C2    . DC A 1 13 ? -7.852  4.161   4.543   1.00 118.77 ? 13  DC A C2    1 
ATOM   263 O  O2    . DC A 1 13 ? -8.287  4.372   3.403   1.00 117.56 ? 13  DC A O2    1 
ATOM   264 N  N3    . DC A 1 13 ? -7.322  2.961   4.892   1.00 115.17 ? 13  DC A N3    1 
ATOM   265 C  C4    . DC A 1 13 ? -6.866  2.766   6.127   1.00 118.68 ? 13  DC A C4    1 
ATOM   266 N  N4    . DC A 1 13 ? -6.356  1.565   6.422   1.00 121.63 ? 13  DC A N4    1 
ATOM   267 C  C5    . DC A 1 13 ? -6.913  3.793   7.114   1.00 122.31 ? 13  DC A C5    1 
ATOM   268 C  C6    . DC A 1 13 ? -7.433  4.977   6.763   1.00 125.86 ? 13  DC A C6    1 
ATOM   269 P  P     . DC A 1 14 ? -13.150 6.898   6.539   1.00 128.20 ? 14  DC A P     1 
ATOM   270 O  OP1   . DC A 1 14 ? -14.264 7.858   6.618   1.00 128.00 ? 14  DC A OP1   1 
ATOM   271 O  OP2   . DC A 1 14 ? -12.937 5.979   7.682   1.00 133.06 ? 14  DC A OP2   1 
ATOM   272 O  "O5'" . DC A 1 14 ? -13.371 6.021   5.225   1.00 115.81 ? 14  DC A "O5'" 1 
ATOM   273 C  "C5'" . DC A 1 14 ? -13.424 6.648   3.964   1.00 110.24 ? 14  DC A "C5'" 1 
ATOM   274 C  "C4'" . DC A 1 14 ? -13.472 5.612   2.861   1.00 111.34 ? 14  DC A "C4'" 1 
ATOM   275 O  "O4'" . DC A 1 14 ? -12.164 5.013   2.689   1.00 108.64 ? 14  DC A "O4'" 1 
ATOM   276 C  "C3'" . DC A 1 14 ? -14.383 4.427   3.123   1.00 110.08 ? 14  DC A "C3'" 1 
ATOM   277 O  "O3'" . DC A 1 14 ? -15.740 4.756   2.831   1.00 111.88 ? 14  DC A "O3'" 1 
ATOM   278 C  "C2'" . DC A 1 14 ? -13.825 3.421   2.130   1.00 106.48 ? 14  DC A "C2'" 1 
ATOM   279 C  "C1'" . DC A 1 14 ? -12.322 3.661   2.275   1.00 105.02 ? 14  DC A "C1'" 1 
ATOM   280 N  N1    . DC A 1 14 ? -11.690 2.777   3.282   1.00 104.03 ? 14  DC A N1    1 
ATOM   281 C  C2    . DC A 1 14 ? -11.602 1.408   3.037   1.00 102.07 ? 14  DC A C2    1 
ATOM   282 O  O2    . DC A 1 14 ? -12.051 0.957   1.975   1.00 96.68  ? 14  DC A O2    1 
ATOM   283 N  N3    . DC A 1 14 ? -11.019 0.606   3.975   1.00 103.42 ? 14  DC A N3    1 
ATOM   284 C  C4    . DC A 1 14 ? -10.542 1.134   5.110   1.00 104.92 ? 14  DC A C4    1 
ATOM   285 N  N4    . DC A 1 14 ? -9.977  0.309   6.010   1.00 102.52 ? 14  DC A N4    1 
ATOM   286 C  C5    . DC A 1 14 ? -10.634 2.531   5.373   1.00 110.44 ? 14  DC A C5    1 
ATOM   287 C  C6    . DC A 1 14 ? -11.209 3.306   4.441   1.00 110.89 ? 14  DC A C6    1 
ATOM   288 P  P     . DC A 1 15 ? -16.927 4.187   3.752   1.00 109.42 ? 15  DC A P     1 
ATOM   289 O  OP1   . DC A 1 15 ? -18.176 4.867   3.329   1.00 116.58 ? 15  DC A OP1   1 
ATOM   290 O  OP2   . DC A 1 15 ? -16.454 4.218   5.158   1.00 108.58 ? 15  DC A OP2   1 
ATOM   291 O  "O5'" . DC A 1 15 ? -17.040 2.653   3.345   1.00 101.21 ? 15  DC A "O5'" 1 
ATOM   292 C  "C5'" . DC A 1 15 ? -17.152 2.285   1.990   1.00 97.73  ? 15  DC A "C5'" 1 
ATOM   293 C  "C4'" . DC A 1 15 ? -16.737 0.849   1.837   1.00 95.81  ? 15  DC A "C4'" 1 
ATOM   294 O  "O4'" . DC A 1 15 ? -15.367 0.716   2.249   1.00 100.67 ? 15  DC A "O4'" 1 
ATOM   295 C  "C3'" . DC A 1 15 ? -17.457 -0.095  2.765   1.00 94.46  ? 15  DC A "C3'" 1 
ATOM   296 O  "O3'" . DC A 1 15 ? -18.693 -0.441  2.246   1.00 100.03 ? 15  DC A "O3'" 1 
ATOM   297 C  "C2'" . DC A 1 15 ? -16.521 -1.286  2.800   1.00 89.99  ? 15  DC A "C2'" 1 
ATOM   298 C  "C1'" . DC A 1 15 ? -15.161 -0.599  2.752   1.00 96.46  ? 15  DC A "C1'" 1 
ATOM   299 N  N1    . DC A 1 15 ? -14.481 -0.527  4.074   1.00 95.78  ? 15  DC A N1    1 
ATOM   300 C  C2    . DC A 1 15 ? -13.992 -1.703  4.647   1.00 96.57  ? 15  DC A C2    1 
ATOM   301 O  O2    . DC A 1 15 ? -14.151 -2.777  4.046   1.00 93.76  ? 15  DC A O2    1 
ATOM   302 N  N3    . DC A 1 15 ? -13.356 -1.636  5.850   1.00 100.62 ? 15  DC A N3    1 
ATOM   303 C  C4    . DC A 1 15 ? -13.206 -0.457  6.468   1.00 102.59 ? 15  DC A C4    1 
ATOM   304 N  N4    . DC A 1 15 ? -12.574 -0.446  7.655   1.00 100.15 ? 15  DC A N4    1 
ATOM   305 C  C5    . DC A 1 15 ? -13.698 0.758   5.889   1.00 99.93  ? 15  DC A C5    1 
ATOM   306 C  C6    . DC A 1 15 ? -14.321 0.676   4.702   1.00 98.18  ? 15  DC A C6    1 
ATOM   307 P  P     . DA A 1 16 ? -19.870 -0.808  3.265   1.00 98.25  ? 16  DA A P     1 
ATOM   308 O  OP1   . DA A 1 16 ? -21.081 -0.073  2.833   1.00 94.25  ? 16  DA A OP1   1 
ATOM   309 O  OP2   . DA A 1 16 ? -19.303 -0.663  4.623   1.00 98.04  ? 16  DA A OP2   1 
ATOM   310 O  "O5'" . DA A 1 16 ? -20.087 -2.369  3.087   1.00 86.65  ? 16  DA A "O5'" 1 
ATOM   311 C  "C5'" . DA A 1 16 ? -20.380 -3.136  4.206   1.00 83.06  ? 16  DA A "C5'" 1 
ATOM   312 C  "C4'" . DA A 1 16 ? -19.302 -4.150  4.413   1.00 84.10  ? 16  DA A "C4'" 1 
ATOM   313 O  "O4'" . DA A 1 16 ? -18.051 -3.495  4.638   1.00 85.71  ? 16  DA A "O4'" 1 
ATOM   314 C  "C3'" . DA A 1 16 ? -19.461 -5.007  5.635   1.00 87.22  ? 16  DA A "C3'" 1 
ATOM   315 O  "O3'" . DA A 1 16 ? -20.388 -5.999  5.378   1.00 90.20  ? 16  DA A "O3'" 1 
ATOM   316 C  "C2'" . DA A 1 16 ? -18.061 -5.584  5.780   1.00 87.46  ? 16  DA A "C2'" 1 
ATOM   317 C  "C1'" . DA A 1 16 ? -17.185 -4.439  5.253   1.00 89.06  ? 16  DA A "C1'" 1 
ATOM   318 N  N9    . DA A 1 16 ? -16.399 -3.787  6.290   1.00 89.41  ? 16  DA A N9    1 
ATOM   319 C  C8    . DA A 1 16 ? -16.345 -2.453  6.575   1.00 90.99  ? 16  DA A C8    1 
ATOM   320 N  N7    . DA A 1 16 ? -15.538 -2.157  7.567   1.00 89.23  ? 16  DA A N7    1 
ATOM   321 C  C5    . DA A 1 16 ? -15.028 -3.379  7.952   1.00 90.54  ? 16  DA A C5    1 
ATOM   322 C  C6    . DA A 1 16 ? -14.111 -3.748  8.947   1.00 93.46  ? 16  DA A C6    1 
ATOM   323 N  N6    . DA A 1 16 ? -13.525 -2.870  9.769   1.00 97.02  ? 16  DA A N6    1 
ATOM   324 N  N1    . DA A 1 16 ? -13.818 -5.061  9.070   1.00 92.89  ? 16  DA A N1    1 
ATOM   325 C  C2    . DA A 1 16 ? -14.406 -5.939  8.245   1.00 91.19  ? 16  DA A C2    1 
ATOM   326 N  N3    . DA A 1 16 ? -15.278 -5.711  7.272   1.00 90.57  ? 16  DA A N3    1 
ATOM   327 C  C4    . DA A 1 16 ? -15.551 -4.397  7.178   1.00 90.28  ? 16  DA A C4    1 
ATOM   328 P  P     . DC A 1 17 ? -21.649 -6.168  6.347   1.00 98.24  ? 17  DC A P     1 
ATOM   329 O  OP1   . DC A 1 17 ? -22.735 -6.774  5.542   1.00 96.88  ? 17  DC A OP1   1 
ATOM   330 O  OP2   . DC A 1 17 ? -21.854 -4.876  7.056   1.00 85.90  ? 17  DC A OP2   1 
ATOM   331 O  "O5'" . DC A 1 17 ? -21.166 -7.304  7.347   1.00 98.67  ? 17  DC A "O5'" 1 
ATOM   332 C  "C5'" . DC A 1 17 ? -20.869 -8.568  6.832   1.00 93.24  ? 17  DC A "C5'" 1 
ATOM   333 C  "C4'" . DC A 1 17 ? -19.750 -9.170  7.617   1.00 100.12 ? 17  DC A "C4'" 1 
ATOM   334 O  "O4'" . DC A 1 17 ? -18.697 -8.210  7.712   1.00 95.59  ? 17  DC A "O4'" 1 
ATOM   335 C  "C3'" . DC A 1 17 ? -20.090 -9.454  9.058   1.00 107.40 ? 17  DC A "C3'" 1 
ATOM   336 O  "O3'" . DC A 1 17 ? -20.738 -10.700 9.158   1.00 119.02 ? 17  DC A "O3'" 1 
ATOM   337 C  "C2'" . DC A 1 17 ? -18.713 -9.491  9.706   1.00 103.24 ? 17  DC A "C2'" 1 
ATOM   338 C  "C1'" . DC A 1 17 ? -17.913 -8.515  8.840   1.00 97.32  ? 17  DC A "C1'" 1 
ATOM   339 N  N1    . DC A 1 17 ? -17.600 -7.272  9.509   1.00 88.12  ? 17  DC A N1    1 
ATOM   340 C  C2    . DC A 1 17 ? -16.651 -7.264  10.520  1.00 91.26  ? 17  DC A C2    1 
ATOM   341 O  O2    . DC A 1 17 ? -16.105 -8.330  10.842  1.00 93.13  ? 17  DC A O2    1 
ATOM   342 N  N3    . DC A 1 17 ? -16.354 -6.098  11.124  1.00 89.41  ? 17  DC A N3    1 
ATOM   343 C  C4    . DC A 1 17 ? -16.955 -4.984  10.739  1.00 86.73  ? 17  DC A C4    1 
ATOM   344 N  N4    . DC A 1 17 ? -16.626 -3.855  11.365  1.00 89.91  ? 17  DC A N4    1 
ATOM   345 C  C5    . DC A 1 17 ? -17.921 -4.973  9.698   1.00 85.84  ? 17  DC A C5    1 
ATOM   346 C  C6    . DC A 1 17 ? -18.212 -6.132  9.118   1.00 84.72  ? 17  DC A C6    1 
ATOM   347 P  P     . DC A 1 18 ? -21.762 -10.965 10.367  1.00 132.70 ? 18  DC A P     1 
ATOM   348 O  OP1   . DC A 1 18 ? -22.446 -12.254 10.071  1.00 131.64 ? 18  DC A OP1   1 
ATOM   349 O  OP2   . DC A 1 18 ? -22.517 -9.689  10.619  1.00 110.43 ? 18  DC A OP2   1 
ATOM   350 O  "O5'" . DC A 1 18 ? -20.796 -11.272 11.596  1.00 117.92 ? 18  DC A "O5'" 1 
ATOM   351 C  "C5'" . DC A 1 18 ? -19.890 -12.350 11.500  1.00 117.26 ? 18  DC A "C5'" 1 
ATOM   352 C  "C4'" . DC A 1 18 ? -18.814 -12.238 12.559  1.00 115.97 ? 18  DC A "C4'" 1 
ATOM   353 O  "O4'" . DC A 1 18 ? -18.304 -10.882 12.605  1.00 110.18 ? 18  DC A "O4'" 1 
ATOM   354 C  "C3'" . DC A 1 18 ? -19.271 -12.552 13.984  1.00 114.99 ? 18  DC A "C3'" 1 
ATOM   355 O  "O3'" . DC A 1 18 ? -18.270 -13.347 14.622  1.00 116.03 ? 18  DC A "O3'" 1 
ATOM   356 C  "C2'" . DC A 1 18 ? -19.382 -11.161 14.620  1.00 102.03 ? 18  DC A "C2'" 1 
ATOM   357 C  "C1'" . DC A 1 18 ? -18.203 -10.493 13.952  1.00 102.99 ? 18  DC A "C1'" 1 
ATOM   358 N  N1    . DC A 1 18 ? -18.201 -9.032  14.006  1.00 94.96  ? 18  DC A N1    1 
ATOM   359 C  C2    . DC A 1 18 ? -17.364 -8.370  14.913  1.00 94.07  ? 18  DC A C2    1 
ATOM   360 O  O2    . DC A 1 18 ? -16.661 -9.032  15.688  1.00 92.83  ? 18  DC A O2    1 
ATOM   361 N  N3    . DC A 1 18 ? -17.355 -7.020  14.925  1.00 93.01  ? 18  DC A N3    1 
ATOM   362 C  C4    . DC A 1 18 ? -18.127 -6.343  14.070  1.00 95.16  ? 18  DC A C4    1 
ATOM   363 N  N4    . DC A 1 18 ? -18.092 -5.002  14.114  1.00 95.22  ? 18  DC A N4    1 
ATOM   364 C  C5    . DC A 1 18 ? -18.970 -7.005  13.132  1.00 98.30  ? 18  DC A C5    1 
ATOM   365 C  C6    . DC A 1 18 ? -18.969 -8.336  13.132  1.00 97.55  ? 18  DC A C6    1 
HETATM 366 SR SR    . SR B 2 .  ? 1.659   -0.508  0.154   0.50 109.57 ? 101 SR A SR    1 
HETATM 367 SR SR    . SR C 2 .  ? -4.152  -1.943  4.809   1.00 150.19 ? 102 SR A SR    1 
HETATM 368 SR SR    . SR D 2 .  ? -13.903 -0.582  13.165  1.00 194.14 ? 103 SR A SR    1 
# 
